data_6OB3
#
_entry.id   6OB3
#
_cell.length_a   81.677
_cell.length_b   97.169
_cell.length_c   155.525
_cell.angle_alpha   90.000
_cell.angle_beta   90.000
_cell.angle_gamma   90.000
#
_symmetry.space_group_name_H-M   'P 21 21 21'
#
loop_
_entity.id
_entity.type
_entity.pdbx_description
1 polymer 'GTPase KRas'
2 polymer Neurofibromin
3 non-polymer 'PHOSPHOAMINOPHOSPHONIC ACID-GUANYLATE ESTER'
4 non-polymer 'MAGNESIUM ION'
5 non-polymer 'CHLORIDE ION'
6 non-polymer '2-(N-MORPHOLINO)-ETHANESULFONIC ACID'
7 water water
#
loop_
_entity_poly.entity_id
_entity_poly.type
_entity_poly.pdbx_seq_one_letter_code
_entity_poly.pdbx_strand_id
1 'polypeptide(L)'
;GMTEYKLVVVGAGDVGKSALTIQLIQNHFVDEYDPTIEDSYRKQVVIDGETCLLDILDTAGQEEYSAMRDQYMRTGEGFL
CVFAINNTKSFEDIHHYREQIKRVKDSEDVPMVLVGNKCDLPSRTVDTKQAQDLARSYGIPFIETSAKTRQGVDDAFYTL
VREIRKHKEK
;
A,C
2 'polypeptide(L)'
;GVELVTMMGDQGELPIAMALANVVPCSQWDELARVLVTLFDSRHLLYQLLWNMFSKEVELADSMQTLFRGNSLASKIMTF
CFKVYGATYLQKLLDPLLRIVITSSDWQHVSFEVDPTRLEPSESLEENQRNLLQMTEKFFHAIISSSSEFPPQLRSVCHC
LYQVVSQRFPQNSIGAVGSAMFLRFINPAIVSPYEAGILDKKPPPRIERGLKLMSKILQSIANHVLFTKEEHMRPFNDFV
KSNFDAARRFFLDIAS
;
B,D
#
# COMPACT_ATOMS: atom_id res chain seq x y z
N GLY A 1 -11.18 6.06 21.55
CA GLY A 1 -11.48 5.51 20.25
C GLY A 1 -10.89 6.38 19.17
N MET A 2 -11.65 6.68 18.10
CA MET A 2 -11.01 7.34 16.96
C MET A 2 -11.98 8.15 16.09
N THR A 3 -11.62 9.42 15.89
CA THR A 3 -12.35 10.39 15.09
C THR A 3 -11.87 10.32 13.64
N GLU A 4 -12.79 10.47 12.68
CA GLU A 4 -12.45 10.40 11.25
C GLU A 4 -12.47 11.78 10.61
N TYR A 5 -11.40 12.11 9.89
CA TYR A 5 -11.22 13.40 9.24
C TYR A 5 -11.14 13.24 7.72
N LYS A 6 -11.97 13.99 6.98
CA LYS A 6 -12.01 13.94 5.52
C LYS A 6 -11.22 15.12 4.95
N LEU A 7 -9.97 14.86 4.57
CA LEU A 7 -9.07 15.87 4.03
C LEU A 7 -9.10 15.78 2.51
N VAL A 8 -9.02 16.93 1.84
CA VAL A 8 -8.97 16.98 0.38
C VAL A 8 -7.80 17.89 -0.02
N VAL A 9 -6.91 17.37 -0.86
CA VAL A 9 -5.74 18.11 -1.34
C VAL A 9 -6.06 18.65 -2.72
N VAL A 10 -6.05 19.99 -2.85
CA VAL A 10 -6.41 20.68 -4.09
C VAL A 10 -5.25 21.61 -4.48
N GLY A 11 -5.26 21.98 -5.75
CA GLY A 11 -4.25 22.87 -6.29
C GLY A 11 -3.96 22.54 -7.74
N ALA A 12 -3.17 23.43 -8.36
CA ALA A 12 -2.85 23.36 -9.77
C ALA A 12 -1.98 22.15 -10.08
N GLY A 13 -1.91 21.84 -11.38
CA GLY A 13 -1.12 20.69 -11.80
C GLY A 13 0.35 20.88 -11.49
N ASP A 14 0.99 19.77 -11.09
CA ASP A 14 2.43 19.67 -10.86
C ASP A 14 2.92 20.49 -9.67
N VAL A 15 2.06 20.89 -8.74
CA VAL A 15 2.54 21.61 -7.57
C VAL A 15 3.05 20.68 -6.48
N GLY A 16 2.76 19.39 -6.59
CA GLY A 16 3.20 18.38 -5.66
C GLY A 16 2.12 17.83 -4.72
N LYS A 17 0.83 17.96 -5.06
CA LYS A 17 -0.22 17.42 -4.21
C LYS A 17 0.00 15.94 -3.93
N SER A 18 0.24 15.16 -4.97
CA SER A 18 0.43 13.72 -4.80
C SER A 18 1.74 13.41 -4.05
N ALA A 19 2.81 14.12 -4.40
CA ALA A 19 4.08 13.88 -3.73
C ALA A 19 3.98 14.13 -2.22
N LEU A 20 3.24 15.17 -1.82
CA LEU A 20 3.02 15.42 -0.39
C LEU A 20 2.24 14.26 0.23
N THR A 21 1.19 13.81 -0.43
CA THR A 21 0.35 12.74 0.09
C THR A 21 1.12 11.44 0.22
N ILE A 22 1.93 11.11 -0.80
CA ILE A 22 2.67 9.85 -0.81
C ILE A 22 3.76 9.84 0.23
N GLN A 23 4.35 11.01 0.56
CA GLN A 23 5.26 11.03 1.71
C GLN A 23 4.52 10.58 2.96
N LEU A 24 3.35 11.15 3.21
CA LEU A 24 2.61 10.81 4.42
C LEU A 24 2.17 9.35 4.40
N ILE A 25 1.68 8.87 3.25
CA ILE A 25 1.10 7.54 3.17
C ILE A 25 2.18 6.47 3.01
N GLN A 26 3.18 6.70 2.16
CA GLN A 26 4.14 5.64 1.87
C GLN A 26 5.57 5.96 2.25
N ASN A 27 5.84 7.15 2.80
CA ASN A 27 7.16 7.49 3.33
C ASN A 27 8.26 7.45 2.27
N HIS A 28 7.95 7.84 1.05
CA HIS A 28 9.01 8.09 0.09
C HIS A 28 8.60 9.19 -0.88
N PHE A 29 9.58 9.68 -1.62
CA PHE A 29 9.36 10.71 -2.60
C PHE A 29 9.65 10.13 -3.98
N VAL A 30 8.70 10.26 -4.89
CA VAL A 30 8.85 9.76 -6.25
C VAL A 30 8.90 10.94 -7.21
N ASP A 31 9.84 10.90 -8.14
CA ASP A 31 9.93 11.89 -9.19
C ASP A 31 9.57 11.15 -10.48
N GLU A 32 8.27 11.10 -10.75
CA GLU A 32 7.75 10.45 -11.94
C GLU A 32 6.62 11.31 -12.49
N TYR A 33 6.27 11.05 -13.75
CA TYR A 33 5.15 11.71 -14.40
C TYR A 33 3.91 10.85 -14.19
N ASP A 34 2.97 11.35 -13.38
CA ASP A 34 1.78 10.55 -13.09
C ASP A 34 0.64 11.47 -12.66
N PRO A 35 0.05 12.21 -13.60
CA PRO A 35 -1.05 13.12 -13.24
C PRO A 35 -2.26 12.39 -12.67
N THR A 36 -2.85 13.00 -11.67
CA THR A 36 -3.93 12.40 -10.90
C THR A 36 -5.27 12.69 -11.58
N ILE A 37 -6.14 11.69 -11.59
CA ILE A 37 -7.55 11.92 -11.88
C ILE A 37 -8.25 12.08 -10.53
N GLU A 38 -8.15 11.06 -9.66
CA GLU A 38 -8.57 11.20 -8.26
C GLU A 38 -8.17 9.97 -7.46
N ASP A 39 -7.34 10.15 -6.42
CA ASP A 39 -6.85 9.04 -5.61
C ASP A 39 -7.30 9.20 -4.15
N SER A 40 -7.53 8.07 -3.49
CA SER A 40 -8.13 8.05 -2.17
C SER A 40 -7.26 7.23 -1.23
N TYR A 41 -6.96 7.79 -0.06
CA TYR A 41 -6.13 7.10 0.92
C TYR A 41 -6.75 7.16 2.31
N ARG A 42 -6.32 6.24 3.17
CA ARG A 42 -6.69 6.27 4.58
C ARG A 42 -5.45 6.00 5.40
N LYS A 43 -5.33 6.71 6.52
CA LYS A 43 -4.21 6.47 7.42
C LYS A 43 -4.61 6.84 8.83
N GLN A 44 -4.19 6.01 9.76
CA GLN A 44 -4.36 6.25 11.19
C GLN A 44 -3.09 6.89 11.73
N VAL A 45 -3.23 8.03 12.42
CA VAL A 45 -2.12 8.75 13.04
C VAL A 45 -2.56 9.22 14.42
N VAL A 46 -1.60 9.67 15.24
CA VAL A 46 -1.87 10.23 16.55
C VAL A 46 -1.54 11.72 16.49
N ILE A 47 -2.56 12.54 16.74
CA ILE A 47 -2.44 13.99 16.70
C ILE A 47 -2.90 14.54 18.05
N ASP A 48 -2.02 15.25 18.74
CA ASP A 48 -2.32 15.80 20.06
C ASP A 48 -2.80 14.71 21.03
N GLY A 49 -2.14 13.56 20.98
CA GLY A 49 -2.43 12.49 21.89
C GLY A 49 -3.68 11.68 21.60
N GLU A 50 -4.47 12.06 20.60
CA GLU A 50 -5.68 11.36 20.20
C GLU A 50 -5.45 10.62 18.88
N THR A 51 -5.80 9.35 18.83
CA THR A 51 -5.77 8.61 17.57
C THR A 51 -6.79 9.20 16.61
N CYS A 52 -6.40 9.40 15.35
CA CYS A 52 -7.26 9.97 14.33
C CYS A 52 -7.17 9.10 13.09
N LEU A 53 -8.27 9.01 12.35
CA LEU A 53 -8.28 8.31 11.08
C LEU A 53 -8.40 9.35 9.97
N LEU A 54 -7.44 9.36 9.08
CA LEU A 54 -7.44 10.35 8.00
C LEU A 54 -7.98 9.72 6.72
N ASP A 55 -9.01 10.33 6.15
CA ASP A 55 -9.47 10.01 4.81
C ASP A 55 -8.97 11.12 3.88
N ILE A 56 -8.01 10.79 3.02
CA ILE A 56 -7.33 11.78 2.19
C ILE A 56 -7.71 11.58 0.73
N LEU A 57 -8.25 12.63 0.12
CA LEU A 57 -8.56 12.65 -1.30
C LEU A 57 -7.53 13.52 -2.03
N ASP A 58 -6.84 12.92 -2.98
CA ASP A 58 -5.81 13.58 -3.78
C ASP A 58 -6.40 13.90 -5.15
N THR A 59 -6.60 15.18 -5.47
CA THR A 59 -7.42 15.56 -6.61
C THR A 59 -6.58 15.95 -7.83
N ALA A 60 -7.29 16.22 -8.92
CA ALA A 60 -6.65 16.53 -10.20
C ALA A 60 -6.37 18.02 -10.28
N GLY A 61 -5.12 18.37 -10.57
CA GLY A 61 -4.79 19.75 -10.85
C GLY A 61 -4.99 20.12 -12.31
N GLN A 62 -5.00 19.14 -13.19
CA GLN A 62 -5.21 19.44 -14.61
C GLN A 62 -6.63 19.96 -14.83
N GLU A 63 -6.73 21.09 -15.52
CA GLU A 63 -8.01 21.80 -15.57
C GLU A 63 -9.05 21.06 -16.38
N GLU A 64 -8.65 20.12 -17.23
CA GLU A 64 -9.64 19.34 -17.98
C GLU A 64 -10.55 18.53 -17.06
N TYR A 65 -10.14 18.28 -15.81
CA TYR A 65 -10.97 17.47 -14.90
C TYR A 65 -11.75 18.33 -13.92
N SER A 66 -11.92 19.63 -14.22
CA SER A 66 -12.54 20.53 -13.25
C SER A 66 -13.99 20.20 -12.95
N ALA A 67 -14.65 19.40 -13.79
CA ALA A 67 -16.06 19.11 -13.56
C ALA A 67 -16.29 18.29 -12.29
N MET A 68 -15.27 17.60 -11.79
CA MET A 68 -15.48 16.76 -10.62
C MET A 68 -15.20 17.46 -9.30
N ARG A 69 -14.87 18.75 -9.33
CA ARG A 69 -14.60 19.49 -8.10
C ARG A 69 -15.83 19.63 -7.23
N ASP A 70 -16.98 19.87 -7.85
CA ASP A 70 -18.19 20.12 -7.09
C ASP A 70 -18.48 18.96 -6.14
N GLN A 71 -18.30 17.73 -6.63
CA GLN A 71 -18.57 16.55 -5.80
C GLN A 71 -17.64 16.49 -4.60
N TYR A 72 -16.33 16.58 -4.83
CA TYR A 72 -15.40 16.38 -3.72
C TYR A 72 -15.38 17.57 -2.78
N MET A 73 -15.75 18.76 -3.26
CA MET A 73 -15.90 19.88 -2.35
C MET A 73 -17.10 19.69 -1.42
N ARG A 74 -18.15 19.01 -1.90
CA ARG A 74 -19.31 18.74 -1.06
C ARG A 74 -18.98 17.79 0.08
N THR A 75 -18.20 16.75 -0.20
CA THR A 75 -17.91 15.72 0.79
C THR A 75 -16.73 16.04 1.70
N GLY A 76 -15.75 16.81 1.23
CA GLY A 76 -14.59 17.12 2.06
C GLY A 76 -14.94 18.00 3.24
N GLU A 77 -14.27 17.81 4.37
CA GLU A 77 -14.47 18.74 5.48
C GLU A 77 -13.32 19.73 5.65
N GLY A 78 -12.14 19.45 5.14
CA GLY A 78 -11.04 20.41 5.16
C GLY A 78 -10.19 20.27 3.92
N PHE A 79 -9.56 21.36 3.51
CA PHE A 79 -8.89 21.42 2.22
C PHE A 79 -7.45 21.90 2.39
N LEU A 80 -6.50 21.07 1.95
CA LEU A 80 -5.10 21.47 1.81
C LEU A 80 -4.94 22.17 0.49
N CYS A 81 -4.76 23.50 0.52
CA CYS A 81 -4.65 24.27 -0.72
C CYS A 81 -3.18 24.49 -1.02
N VAL A 82 -2.69 23.78 -2.03
CA VAL A 82 -1.26 23.66 -2.31
C VAL A 82 -0.93 24.47 -3.56
N PHE A 83 0.08 25.33 -3.45
CA PHE A 83 0.73 25.93 -4.60
C PHE A 83 2.21 25.60 -4.56
N ALA A 84 2.90 25.86 -5.67
CA ALA A 84 4.35 25.70 -5.78
C ALA A 84 5.01 27.07 -5.77
N ILE A 85 6.08 27.22 -4.99
CA ILE A 85 6.69 28.54 -4.83
C ILE A 85 7.32 29.07 -6.12
N ASN A 86 7.51 28.23 -7.14
CA ASN A 86 8.06 28.69 -8.42
C ASN A 86 7.01 28.76 -9.52
N ASN A 87 5.72 28.79 -9.16
CA ASN A 87 4.65 28.80 -10.14
C ASN A 87 3.68 29.87 -9.70
N THR A 88 3.76 31.03 -10.35
CA THR A 88 2.91 32.16 -9.95
C THR A 88 1.45 31.85 -10.21
N LYS A 89 1.15 31.19 -11.34
CA LYS A 89 -0.25 30.89 -11.63
C LYS A 89 -0.87 29.99 -10.56
N SER A 90 -0.10 29.03 -10.04
CA SER A 90 -0.69 28.14 -9.03
C SER A 90 -1.03 28.91 -7.77
N PHE A 91 -0.24 29.94 -7.45
CA PHE A 91 -0.58 30.80 -6.33
C PHE A 91 -1.88 31.54 -6.58
N GLU A 92 -2.03 32.13 -7.77
CA GLU A 92 -3.26 32.84 -8.11
C GLU A 92 -4.45 31.90 -8.15
N ASP A 93 -4.24 30.63 -8.53
CA ASP A 93 -5.34 29.66 -8.57
C ASP A 93 -5.94 29.38 -7.18
N ILE A 94 -5.18 29.62 -6.10
CA ILE A 94 -5.69 29.34 -4.75
C ILE A 94 -7.00 30.07 -4.51
N HIS A 95 -7.08 31.30 -4.99
CA HIS A 95 -8.28 32.10 -4.79
C HIS A 95 -9.48 31.45 -5.47
N HIS A 96 -9.27 30.82 -6.63
CA HIS A 96 -10.38 30.19 -7.34
C HIS A 96 -10.84 28.92 -6.63
N TYR A 97 -9.89 28.16 -6.08
CA TYR A 97 -10.28 26.98 -5.31
C TYR A 97 -11.06 27.40 -4.07
N ARG A 98 -10.56 28.40 -3.36
CA ARG A 98 -11.22 28.82 -2.13
C ARG A 98 -12.62 29.34 -2.40
N GLU A 99 -12.81 30.08 -3.50
CA GLU A 99 -14.15 30.66 -3.69
C GLU A 99 -15.15 29.62 -4.16
N GLN A 100 -14.68 28.60 -4.88
CA GLN A 100 -15.58 27.52 -5.24
C GLN A 100 -15.94 26.68 -4.03
N ILE A 101 -14.98 26.40 -3.16
CA ILE A 101 -15.28 25.66 -1.94
C ILE A 101 -16.31 26.41 -1.09
N LYS A 102 -16.14 27.73 -0.96
CA LYS A 102 -17.08 28.50 -0.16
C LYS A 102 -18.47 28.51 -0.79
N ARG A 103 -18.55 28.53 -2.13
CA ARG A 103 -19.88 28.50 -2.76
C ARG A 103 -20.54 27.15 -2.54
N VAL A 104 -19.80 26.06 -2.76
CA VAL A 104 -20.41 24.75 -2.75
C VAL A 104 -20.87 24.39 -1.34
N LYS A 105 -20.07 24.72 -0.33
CA LYS A 105 -20.50 24.57 1.05
C LYS A 105 -21.38 25.69 1.59
N ASP A 106 -21.59 26.76 0.82
CA ASP A 106 -22.46 27.86 1.25
C ASP A 106 -22.01 28.43 2.60
N SER A 107 -20.71 28.38 2.88
CA SER A 107 -20.17 28.82 4.16
C SER A 107 -18.97 29.73 3.92
N GLU A 108 -18.72 30.63 4.88
CA GLU A 108 -17.45 31.35 4.91
C GLU A 108 -16.50 30.81 5.97
N ASP A 109 -16.88 29.74 6.65
CA ASP A 109 -16.06 29.09 7.67
C ASP A 109 -15.77 27.66 7.25
N VAL A 110 -14.85 27.48 6.29
CA VAL A 110 -14.46 26.15 5.85
C VAL A 110 -13.01 25.91 6.27
N PRO A 111 -12.72 24.83 6.99
CA PRO A 111 -11.33 24.54 7.37
C PRO A 111 -10.43 24.40 6.16
N MET A 112 -9.36 25.19 6.12
CA MET A 112 -8.39 25.02 5.06
C MET A 112 -7.05 25.56 5.52
N VAL A 113 -5.99 25.06 4.87
CA VAL A 113 -4.61 25.38 5.16
C VAL A 113 -3.91 25.69 3.85
N LEU A 114 -3.19 26.82 3.81
CA LEU A 114 -2.41 27.23 2.65
C LEU A 114 -1.03 26.57 2.71
N VAL A 115 -0.65 25.89 1.63
CA VAL A 115 0.63 25.16 1.59
C VAL A 115 1.45 25.67 0.41
N GLY A 116 2.64 26.20 0.70
CA GLY A 116 3.56 26.53 -0.38
C GLY A 116 4.63 25.48 -0.53
N ASN A 117 4.52 24.65 -1.56
CA ASN A 117 5.39 23.49 -1.71
C ASN A 117 6.57 23.79 -2.65
N LYS A 118 7.55 22.87 -2.63
CA LYS A 118 8.80 22.93 -3.40
C LYS A 118 9.75 23.97 -2.83
N CYS A 119 9.71 24.18 -1.52
CA CYS A 119 10.60 25.15 -0.89
CA CYS A 119 10.60 25.15 -0.90
C CYS A 119 12.04 24.68 -0.83
N ASP A 120 12.35 23.46 -1.26
CA ASP A 120 13.74 23.06 -1.42
C ASP A 120 14.40 23.71 -2.64
N LEU A 121 13.62 24.35 -3.52
CA LEU A 121 14.18 24.91 -4.74
C LEU A 121 14.66 26.34 -4.51
N PRO A 122 15.78 26.72 -5.15
CA PRO A 122 16.19 28.13 -5.18
C PRO A 122 15.52 28.94 -6.29
N SER A 123 14.54 28.38 -6.98
CA SER A 123 13.80 29.08 -8.02
C SER A 123 12.46 29.48 -7.41
N ARG A 124 12.39 30.67 -6.83
CA ARG A 124 11.17 31.13 -6.19
C ARG A 124 10.58 32.34 -6.89
N THR A 125 9.29 32.27 -7.24
CA THR A 125 8.59 33.43 -7.78
C THR A 125 7.50 33.94 -6.84
N VAL A 126 7.18 33.23 -5.78
CA VAL A 126 6.18 33.67 -4.81
C VAL A 126 6.87 33.84 -3.48
N ASP A 127 6.93 35.09 -3.01
CA ASP A 127 7.58 35.39 -1.75
C ASP A 127 6.74 34.86 -0.59
N THR A 128 7.44 34.38 0.45
CA THR A 128 6.79 33.94 1.67
C THR A 128 5.84 35.00 2.23
N LYS A 129 6.23 36.27 2.16
CA LYS A 129 5.42 37.35 2.72
C LYS A 129 4.12 37.46 1.95
N GLN A 130 4.19 37.29 0.64
CA GLN A 130 3.00 37.32 -0.20
C GLN A 130 2.02 36.22 0.21
N ALA A 131 2.54 35.04 0.52
CA ALA A 131 1.68 33.92 0.90
C ALA A 131 1.12 34.11 2.30
N GLN A 132 1.95 34.61 3.23
CA GLN A 132 1.48 34.93 4.58
C GLN A 132 0.40 35.99 4.56
N ASP A 133 0.52 36.99 3.67
CA ASP A 133 -0.52 38.01 3.61
C ASP A 133 -1.83 37.43 3.10
N LEU A 134 -1.76 36.55 2.10
CA LEU A 134 -2.97 35.90 1.61
C LEU A 134 -3.61 35.03 2.69
N ALA A 135 -2.81 34.20 3.36
CA ALA A 135 -3.34 33.37 4.44
C ALA A 135 -3.94 34.24 5.54
N ARG A 136 -3.23 35.31 5.92
CA ARG A 136 -3.75 36.22 6.94
C ARG A 136 -5.07 36.84 6.49
N SER A 137 -5.16 37.20 5.22
CA SER A 137 -6.41 37.73 4.69
C SER A 137 -7.54 36.71 4.82
N TYR A 138 -7.25 35.44 4.53
CA TYR A 138 -8.24 34.39 4.64
C TYR A 138 -8.46 33.93 6.08
N GLY A 139 -7.52 34.22 6.98
CA GLY A 139 -7.62 33.75 8.34
C GLY A 139 -7.29 32.29 8.54
N ILE A 140 -6.35 31.74 7.75
CA ILE A 140 -6.01 30.32 7.81
C ILE A 140 -4.51 30.20 8.02
N PRO A 141 -4.03 29.03 8.43
CA PRO A 141 -2.58 28.83 8.55
C PRO A 141 -1.90 28.76 7.20
N PHE A 142 -0.59 29.09 7.20
CA PHE A 142 0.25 28.97 6.02
C PHE A 142 1.50 28.19 6.39
N ILE A 143 1.80 27.15 5.64
CA ILE A 143 2.94 26.28 5.92
C ILE A 143 3.75 26.11 4.63
N GLU A 144 5.07 26.28 4.72
CA GLU A 144 5.97 25.99 3.62
C GLU A 144 6.45 24.55 3.73
N THR A 145 6.41 23.82 2.64
CA THR A 145 6.75 22.41 2.64
C THR A 145 7.73 22.09 1.54
N SER A 146 8.40 20.95 1.70
CA SER A 146 9.03 20.31 0.55
C SER A 146 8.72 18.82 0.61
N ALA A 147 7.94 18.35 -0.35
CA ALA A 147 7.72 16.92 -0.45
C ALA A 147 9.02 16.18 -0.72
N LYS A 148 10.02 16.85 -1.33
CA LYS A 148 11.25 16.15 -1.65
C LYS A 148 12.07 15.86 -0.41
N THR A 149 12.20 16.83 0.50
CA THR A 149 12.96 16.59 1.73
C THR A 149 12.07 16.17 2.89
N ARG A 150 10.75 16.12 2.70
CA ARG A 150 9.73 15.91 3.73
C ARG A 150 9.58 17.10 4.67
N GLN A 151 10.26 18.22 4.43
CA GLN A 151 10.10 19.36 5.32
C GLN A 151 8.64 19.82 5.39
N GLY A 152 8.10 19.91 6.60
CA GLY A 152 6.78 20.48 6.78
C GLY A 152 5.60 19.61 6.37
N VAL A 153 5.84 18.38 5.89
CA VAL A 153 4.74 17.57 5.36
C VAL A 153 3.76 17.19 6.48
N ASP A 154 4.26 16.61 7.56
CA ASP A 154 3.37 16.18 8.64
C ASP A 154 2.64 17.37 9.24
N ASP A 155 3.37 18.48 9.45
CA ASP A 155 2.78 19.67 10.03
C ASP A 155 1.64 20.21 9.19
N ALA A 156 1.76 20.12 7.86
CA ALA A 156 0.67 20.59 6.99
C ALA A 156 -0.59 19.76 7.21
N PHE A 157 -0.46 18.44 7.21
CA PHE A 157 -1.65 17.60 7.39
C PHE A 157 -2.20 17.71 8.80
N TYR A 158 -1.32 17.71 9.82
CA TYR A 158 -1.82 17.79 11.19
C TYR A 158 -2.49 19.12 11.46
N THR A 159 -1.96 20.21 10.88
CA THR A 159 -2.58 21.51 11.08
C THR A 159 -3.99 21.55 10.48
N LEU A 160 -4.18 20.91 9.31
CA LEU A 160 -5.52 20.88 8.74
C LEU A 160 -6.48 20.08 9.61
N VAL A 161 -6.02 18.94 10.16
CA VAL A 161 -6.84 18.16 11.09
C VAL A 161 -7.26 19.01 12.28
N ARG A 162 -6.32 19.80 12.82
CA ARG A 162 -6.64 20.62 13.98
C ARG A 162 -7.63 21.73 13.61
N GLU A 163 -7.52 22.29 12.41
CA GLU A 163 -8.53 23.25 11.96
C GLU A 163 -9.90 22.59 11.79
N ILE A 164 -9.95 21.36 11.30
CA ILE A 164 -11.23 20.69 11.14
C ILE A 164 -11.84 20.41 12.50
N ARG A 165 -11.04 19.85 13.40
CA ARG A 165 -11.52 19.55 14.75
C ARG A 165 -12.02 20.80 15.46
N LYS A 166 -11.32 21.93 15.28
CA LYS A 166 -11.80 23.17 15.87
C LYS A 166 -13.18 23.51 15.34
N HIS A 167 -13.36 23.31 14.06
CA HIS A 167 -14.64 23.61 13.39
C HIS A 167 -15.73 22.67 13.91
N LYS A 168 -15.42 21.42 14.16
CA LYS A 168 -16.44 20.45 14.57
C LYS A 168 -16.81 20.66 16.04
N GLU A 169 -15.91 21.22 16.82
CA GLU A 169 -16.11 21.44 18.25
C GLU A 169 -16.77 22.79 18.53
N LYS A 170 -17.24 23.48 17.52
CA LYS A 170 -17.87 24.80 17.75
C LYS A 170 -19.22 24.60 18.45
N GLY B 12 7.98 35.88 -40.89
CA GLY B 12 6.65 36.45 -40.94
C GLY B 12 5.82 36.30 -39.66
N GLU B 13 4.72 35.56 -39.77
CA GLU B 13 3.74 35.47 -38.68
C GLU B 13 4.28 34.68 -37.48
N LEU B 14 5.06 33.63 -37.73
CA LEU B 14 5.48 32.78 -36.61
C LEU B 14 6.38 33.49 -35.60
N PRO B 15 7.47 34.17 -36.00
CA PRO B 15 8.30 34.82 -34.97
C PRO B 15 7.57 35.90 -34.20
N ILE B 16 6.64 36.61 -34.85
CA ILE B 16 5.79 37.56 -34.14
C ILE B 16 5.01 36.85 -33.04
N ALA B 17 4.36 35.74 -33.38
CA ALA B 17 3.53 35.04 -32.40
C ALA B 17 4.39 34.46 -31.27
N MET B 18 5.54 33.91 -31.59
CA MET B 18 6.42 33.34 -30.58
C MET B 18 6.89 34.41 -29.58
N ALA B 19 7.23 35.60 -30.07
CA ALA B 19 7.72 36.66 -29.18
C ALA B 19 6.62 37.18 -28.26
N LEU B 20 5.43 37.43 -28.82
CA LEU B 20 4.31 37.92 -28.02
C LEU B 20 3.79 36.89 -27.03
N ALA B 21 3.92 35.60 -27.33
CA ALA B 21 3.46 34.58 -26.39
C ALA B 21 4.17 34.70 -25.04
N ASN B 22 5.42 35.19 -25.04
CA ASN B 22 6.16 35.32 -23.79
C ASN B 22 5.52 36.31 -22.84
N VAL B 23 4.82 37.31 -23.40
CA VAL B 23 4.28 38.42 -22.62
C VAL B 23 3.00 38.05 -21.88
N VAL B 24 2.25 37.06 -22.37
CA VAL B 24 1.00 36.68 -21.73
C VAL B 24 1.29 35.90 -20.45
N PRO B 25 0.79 36.32 -19.29
CA PRO B 25 1.02 35.51 -18.08
C PRO B 25 0.28 34.17 -18.17
N CYS B 26 0.86 33.16 -17.51
CA CYS B 26 0.34 31.80 -17.63
C CYS B 26 -1.14 31.71 -17.25
N SER B 27 -1.62 32.63 -16.42
CA SER B 27 -3.03 32.67 -16.07
C SER B 27 -3.92 32.92 -17.26
N GLN B 28 -3.39 33.48 -18.35
CA GLN B 28 -4.22 33.76 -19.51
C GLN B 28 -3.95 32.76 -20.63
N TRP B 29 -3.25 31.65 -20.35
CA TRP B 29 -2.80 30.78 -21.43
C TRP B 29 -3.93 30.00 -22.10
N ASP B 30 -5.07 29.80 -21.43
CA ASP B 30 -6.21 29.20 -22.10
C ASP B 30 -6.65 30.07 -23.27
N GLU B 31 -6.71 31.38 -23.04
CA GLU B 31 -7.08 32.29 -24.11
C GLU B 31 -5.98 32.39 -25.17
N LEU B 32 -4.71 32.43 -24.73
CA LEU B 32 -3.61 32.47 -25.70
C LEU B 32 -3.65 31.25 -26.63
N ALA B 33 -3.86 30.07 -26.07
CA ALA B 33 -3.91 28.85 -26.90
C ALA B 33 -5.04 28.92 -27.90
N ARG B 34 -6.23 29.36 -27.47
CA ARG B 34 -7.35 29.51 -28.39
C ARG B 34 -7.00 30.44 -29.54
N VAL B 35 -6.45 31.61 -29.22
CA VAL B 35 -6.19 32.63 -30.24
C VAL B 35 -5.10 32.18 -31.20
N LEU B 36 -4.02 31.58 -30.66
CA LEU B 36 -2.94 31.11 -31.52
C LEU B 36 -3.45 30.06 -32.51
N VAL B 37 -4.14 29.03 -32.01
CA VAL B 37 -4.61 27.96 -32.89
C VAL B 37 -5.59 28.50 -33.92
N THR B 38 -6.53 29.34 -33.47
CA THR B 38 -7.52 29.92 -34.36
C THR B 38 -6.85 30.73 -35.46
N LEU B 39 -5.92 31.59 -35.07
CA LEU B 39 -5.21 32.41 -36.03
C LEU B 39 -4.48 31.56 -37.05
N PHE B 40 -3.71 30.58 -36.59
CA PHE B 40 -2.86 29.87 -37.54
C PHE B 40 -3.62 28.82 -38.34
N ASP B 41 -4.69 28.26 -37.76
CA ASP B 41 -5.53 27.35 -38.54
C ASP B 41 -6.19 28.09 -39.69
N SER B 42 -6.68 29.30 -39.44
CA SER B 42 -7.32 30.07 -40.51
C SER B 42 -6.32 30.45 -41.59
N ARG B 43 -5.02 30.37 -41.32
CA ARG B 43 -4.01 30.61 -42.34
C ARG B 43 -3.39 29.32 -42.84
N HIS B 44 -3.98 28.17 -42.51
CA HIS B 44 -3.47 26.87 -42.94
C HIS B 44 -2.01 26.69 -42.53
N LEU B 45 -1.65 27.26 -41.39
CA LEU B 45 -0.30 27.18 -40.84
C LEU B 45 -0.28 26.53 -39.47
N LEU B 46 -1.26 25.66 -39.19
CA LEU B 46 -1.36 25.09 -37.85
C LEU B 46 -0.21 24.13 -37.58
N TYR B 47 0.18 23.33 -38.57
CA TYR B 47 1.27 22.39 -38.38
C TYR B 47 2.55 23.13 -38.00
N GLN B 48 2.84 24.25 -38.67
CA GLN B 48 4.04 25.02 -38.41
C GLN B 48 4.01 25.62 -37.00
N LEU B 49 2.85 26.10 -36.55
CA LEU B 49 2.71 26.61 -35.19
C LEU B 49 3.06 25.54 -34.16
N LEU B 50 2.46 24.36 -34.33
CA LEU B 50 2.69 23.26 -33.39
C LEU B 50 4.15 22.81 -33.41
N TRP B 51 4.75 22.72 -34.61
CA TRP B 51 6.15 22.31 -34.69
C TRP B 51 7.02 23.25 -33.87
N ASN B 52 6.84 24.57 -34.06
CA ASN B 52 7.63 25.55 -33.32
C ASN B 52 7.34 25.50 -31.83
N MET B 53 6.06 25.47 -31.45
CA MET B 53 5.74 25.50 -30.02
C MET B 53 6.22 24.23 -29.33
N PHE B 54 6.02 23.07 -29.95
CA PHE B 54 6.52 21.83 -29.37
C PHE B 54 8.06 21.81 -29.33
N SER B 55 8.72 22.22 -30.42
CA SER B 55 10.19 22.15 -30.45
C SER B 55 10.81 23.05 -29.38
N LYS B 56 10.23 24.23 -29.17
CA LYS B 56 10.77 25.13 -28.15
C LYS B 56 10.89 24.44 -26.80
N GLU B 57 9.85 23.71 -26.40
CA GLU B 57 9.88 23.05 -25.10
C GLU B 57 10.69 21.75 -25.13
N VAL B 58 10.56 20.97 -26.21
CA VAL B 58 11.28 19.71 -26.28
C VAL B 58 12.79 19.94 -26.31
N GLU B 59 13.23 20.94 -27.07
CA GLU B 59 14.66 21.24 -27.14
C GLU B 59 15.21 21.66 -25.78
N LEU B 60 14.38 22.24 -24.92
CA LEU B 60 14.90 22.68 -23.64
C LEU B 60 14.99 21.55 -22.62
N ALA B 61 14.11 20.54 -22.71
CA ALA B 61 14.06 19.53 -21.67
C ALA B 61 15.27 18.61 -21.72
N ASP B 62 15.75 18.21 -20.54
CA ASP B 62 16.82 17.24 -20.44
C ASP B 62 16.32 15.81 -20.25
N SER B 63 15.05 15.63 -19.91
CA SER B 63 14.49 14.30 -19.78
C SER B 63 13.00 14.37 -20.10
N MET B 64 12.42 13.21 -20.38
CA MET B 64 10.99 13.16 -20.60
C MET B 64 10.22 13.50 -19.33
N GLN B 65 10.81 13.20 -18.17
CA GLN B 65 10.12 13.49 -16.91
C GLN B 65 9.96 14.99 -16.69
N THR B 66 10.84 15.82 -17.27
CA THR B 66 10.81 17.26 -17.09
C THR B 66 10.20 18.00 -18.27
N LEU B 67 9.53 17.30 -19.19
CA LEU B 67 8.93 17.89 -20.38
C LEU B 67 7.43 18.09 -20.15
N PHE B 68 6.93 19.26 -20.56
CA PHE B 68 5.51 19.62 -20.45
C PHE B 68 5.04 19.68 -18.99
N ARG B 69 5.97 19.85 -18.04
CA ARG B 69 5.60 19.97 -16.62
C ARG B 69 5.11 21.37 -16.28
N GLY B 70 4.25 21.48 -15.26
CA GLY B 70 3.84 22.79 -14.78
C GLY B 70 3.09 23.56 -15.85
N ASN B 71 3.39 24.85 -15.95
CA ASN B 71 2.81 25.68 -17.01
C ASN B 71 3.51 25.34 -18.33
N SER B 72 2.74 24.83 -19.28
CA SER B 72 3.26 24.42 -20.58
C SER B 72 2.31 24.95 -21.64
N LEU B 73 2.75 25.97 -22.39
CA LEU B 73 1.92 26.51 -23.45
C LEU B 73 1.67 25.45 -24.51
N ALA B 74 2.69 24.62 -24.79
CA ALA B 74 2.49 23.52 -25.73
C ALA B 74 1.36 22.61 -25.27
N SER B 75 1.32 22.27 -23.97
CA SER B 75 0.24 21.44 -23.43
C SER B 75 -1.11 22.14 -23.55
N LYS B 76 -1.16 23.44 -23.26
CA LYS B 76 -2.43 24.16 -23.38
C LYS B 76 -2.91 24.15 -24.83
N ILE B 77 -1.99 24.31 -25.77
CA ILE B 77 -2.37 24.29 -27.18
C ILE B 77 -2.89 22.92 -27.57
N MET B 78 -2.23 21.87 -27.09
CA MET B 78 -2.65 20.52 -27.40
C MET B 78 -4.05 20.23 -26.85
N THR B 79 -4.34 20.62 -25.60
CA THR B 79 -5.68 20.34 -25.08
CA THR B 79 -5.68 20.38 -25.05
C THR B 79 -6.74 21.16 -25.80
N PHE B 80 -6.40 22.38 -26.27
CA PHE B 80 -7.34 23.10 -27.11
C PHE B 80 -7.58 22.38 -28.44
N CYS B 81 -6.52 21.87 -29.08
CA CYS B 81 -6.73 21.18 -30.36
C CYS B 81 -7.62 19.95 -30.20
N PHE B 82 -7.36 19.15 -29.17
CA PHE B 82 -8.23 18.02 -28.87
C PHE B 82 -9.69 18.46 -28.74
N LYS B 83 -9.94 19.58 -28.06
CA LYS B 83 -11.33 19.98 -27.86
C LYS B 83 -11.99 20.44 -29.16
N VAL B 84 -11.32 21.28 -29.94
CA VAL B 84 -11.99 21.80 -31.14
C VAL B 84 -11.93 20.85 -32.33
N TYR B 85 -10.85 20.07 -32.48
CA TYR B 85 -10.75 19.17 -33.62
C TYR B 85 -11.23 17.76 -33.31
N GLY B 86 -11.50 17.44 -32.04
CA GLY B 86 -11.82 16.06 -31.71
C GLY B 86 -13.22 15.84 -31.19
N ALA B 87 -14.04 16.89 -31.19
CA ALA B 87 -15.38 16.77 -30.60
C ALA B 87 -16.25 15.76 -31.34
N THR B 88 -16.26 15.83 -32.69
CA THR B 88 -17.11 14.91 -33.45
C THR B 88 -16.67 13.47 -33.25
N TYR B 89 -15.37 13.22 -33.31
CA TYR B 89 -14.85 11.88 -33.10
C TYR B 89 -15.20 11.35 -31.71
N LEU B 90 -14.98 12.16 -30.68
CA LEU B 90 -15.19 11.75 -29.31
C LEU B 90 -16.64 11.38 -29.07
N GLN B 91 -17.56 12.22 -29.53
CA GLN B 91 -18.97 11.98 -29.33
C GLN B 91 -19.41 10.69 -30.02
N LYS B 92 -18.99 10.52 -31.27
CA LYS B 92 -19.36 9.32 -32.02
C LYS B 92 -18.74 8.07 -31.42
N LEU B 93 -17.56 8.20 -30.80
CA LEU B 93 -16.91 7.03 -30.24
C LEU B 93 -17.52 6.61 -28.90
N LEU B 94 -17.79 7.57 -28.02
CA LEU B 94 -18.17 7.26 -26.64
C LEU B 94 -19.68 7.10 -26.46
N ASP B 95 -20.49 7.85 -27.21
CA ASP B 95 -21.94 7.81 -27.02
C ASP B 95 -22.53 6.41 -27.07
N PRO B 96 -22.28 5.59 -28.11
CA PRO B 96 -22.87 4.23 -28.07
C PRO B 96 -22.42 3.43 -26.87
N LEU B 97 -21.15 3.57 -26.46
CA LEU B 97 -20.68 2.82 -25.31
C LEU B 97 -21.37 3.27 -24.03
N LEU B 98 -21.46 4.58 -23.82
CA LEU B 98 -22.09 5.10 -22.61
C LEU B 98 -23.57 4.72 -22.55
N ARG B 99 -24.26 4.75 -23.68
CA ARG B 99 -25.67 4.35 -23.69
C ARG B 99 -25.87 2.89 -23.31
N ILE B 100 -24.90 2.03 -23.61
CA ILE B 100 -25.04 0.63 -23.24
C ILE B 100 -24.94 0.46 -21.73
N VAL B 101 -23.94 1.10 -21.12
CA VAL B 101 -23.73 0.96 -19.69
C VAL B 101 -24.80 1.70 -18.90
N ILE B 102 -25.36 2.77 -19.48
CA ILE B 102 -26.38 3.54 -18.79
C ILE B 102 -27.74 2.84 -18.83
N THR B 103 -27.99 2.04 -19.85
CA THR B 103 -29.28 1.39 -20.02
C THR B 103 -29.23 -0.09 -19.69
N SER B 104 -28.14 -0.55 -19.06
CA SER B 104 -28.03 -1.96 -18.71
C SER B 104 -29.02 -2.32 -17.61
N SER B 105 -29.69 -3.46 -17.78
CA SER B 105 -30.70 -3.95 -16.85
C SER B 105 -30.17 -4.92 -15.81
N ASP B 106 -28.93 -5.37 -15.94
CA ASP B 106 -28.37 -6.30 -14.96
C ASP B 106 -28.08 -5.54 -13.68
N TRP B 107 -28.79 -5.87 -12.60
CA TRP B 107 -28.51 -5.20 -11.34
C TRP B 107 -27.41 -5.89 -10.58
N GLN B 108 -27.07 -7.12 -10.99
CA GLN B 108 -25.87 -7.78 -10.49
C GLN B 108 -24.63 -7.11 -11.08
N HIS B 109 -24.71 -6.72 -12.35
CA HIS B 109 -23.62 -6.07 -13.07
C HIS B 109 -23.70 -4.55 -12.96
N VAL B 110 -24.35 -4.04 -11.90
CA VAL B 110 -24.63 -2.62 -11.78
C VAL B 110 -23.69 -1.87 -10.84
N SER B 111 -22.79 -2.57 -10.14
CA SER B 111 -21.87 -1.89 -9.22
C SER B 111 -20.41 -2.09 -9.60
N PHE B 112 -19.66 -1.00 -9.51
CA PHE B 112 -18.24 -0.96 -9.85
C PHE B 112 -17.37 -0.66 -8.65
N GLU B 113 -17.92 -0.64 -7.44
CA GLU B 113 -17.13 -0.25 -6.27
C GLU B 113 -16.08 -1.31 -6.01
N VAL B 114 -14.81 -0.94 -6.13
CA VAL B 114 -13.70 -1.85 -5.91
C VAL B 114 -12.78 -1.40 -4.78
N ASP B 115 -13.13 -0.31 -4.09
CA ASP B 115 -12.43 0.05 -2.85
C ASP B 115 -13.07 -0.70 -1.69
N PRO B 116 -12.35 -1.62 -1.03
CA PRO B 116 -13.00 -2.43 0.02
C PRO B 116 -13.57 -1.59 1.15
N THR B 117 -12.94 -0.44 1.45
CA THR B 117 -13.41 0.42 2.52
C THR B 117 -14.70 1.16 2.16
N ARG B 118 -15.13 1.15 0.90
CA ARG B 118 -16.38 1.79 0.51
C ARG B 118 -17.42 0.78 0.07
N LEU B 119 -17.11 -0.52 0.19
CA LEU B 119 -17.92 -1.59 -0.37
C LEU B 119 -19.11 -1.94 0.53
N GLU B 120 -20.30 -2.00 -0.07
CA GLU B 120 -21.47 -2.43 0.67
C GLU B 120 -21.35 -3.90 1.04
N PRO B 121 -21.85 -4.31 2.21
CA PRO B 121 -21.76 -5.74 2.59
C PRO B 121 -22.57 -6.63 1.67
N SER B 122 -23.63 -6.08 1.07
CA SER B 122 -24.43 -6.83 0.10
C SER B 122 -23.60 -7.24 -1.13
N GLU B 123 -22.70 -6.37 -1.59
CA GLU B 123 -21.97 -6.57 -2.83
C GLU B 123 -20.72 -7.44 -2.63
N SER B 124 -20.24 -8.01 -3.73
CA SER B 124 -19.06 -8.86 -3.78
C SER B 124 -17.93 -8.10 -4.48
N LEU B 125 -16.78 -8.01 -3.80
CA LEU B 125 -15.65 -7.27 -4.34
C LEU B 125 -15.19 -7.87 -5.66
N GLU B 126 -15.06 -9.20 -5.70
CA GLU B 126 -14.53 -9.84 -6.90
C GLU B 126 -15.49 -9.70 -8.06
N GLU B 127 -16.81 -9.69 -7.78
CA GLU B 127 -17.78 -9.46 -8.83
C GLU B 127 -17.71 -8.02 -9.35
N ASN B 128 -17.55 -7.04 -8.46
CA ASN B 128 -17.45 -5.66 -8.89
C ASN B 128 -16.18 -5.42 -9.69
N GLN B 129 -15.08 -6.05 -9.29
CA GLN B 129 -13.84 -5.97 -10.04
C GLN B 129 -14.04 -6.49 -11.47
N ARG B 130 -14.67 -7.67 -11.59
CA ARG B 130 -14.94 -8.24 -12.90
C ARG B 130 -15.88 -7.34 -13.71
N ASN B 131 -16.90 -6.78 -13.04
CA ASN B 131 -17.80 -5.84 -13.70
C ASN B 131 -17.03 -4.63 -14.24
N LEU B 132 -16.11 -4.09 -13.44
CA LEU B 132 -15.36 -2.92 -13.86
C LEU B 132 -14.41 -3.27 -15.01
N LEU B 133 -13.75 -4.43 -14.92
CA LEU B 133 -12.84 -4.87 -15.97
C LEU B 133 -13.57 -5.10 -17.29
N GLN B 134 -14.79 -5.62 -17.24
CA GLN B 134 -15.52 -5.87 -18.48
C GLN B 134 -15.91 -4.57 -19.15
N MET B 135 -16.31 -3.56 -18.37
CA MET B 135 -16.58 -2.26 -18.98
C MET B 135 -15.31 -1.64 -19.54
N THR B 136 -14.21 -1.72 -18.82
CA THR B 136 -12.95 -1.14 -19.27
C THR B 136 -12.49 -1.79 -20.58
N GLU B 137 -12.68 -3.11 -20.69
CA GLU B 137 -12.33 -3.82 -21.92
C GLU B 137 -13.13 -3.31 -23.11
N LYS B 138 -14.44 -3.11 -22.94
CA LYS B 138 -15.26 -2.63 -24.06
C LYS B 138 -14.80 -1.24 -24.50
N PHE B 139 -14.52 -0.36 -23.54
CA PHE B 139 -14.08 0.99 -23.87
C PHE B 139 -12.70 0.96 -24.51
N PHE B 140 -11.76 0.24 -23.88
CA PHE B 140 -10.41 0.16 -24.43
C PHE B 140 -10.42 -0.43 -25.84
N HIS B 141 -11.15 -1.53 -26.03
CA HIS B 141 -11.15 -2.17 -27.34
C HIS B 141 -11.74 -1.26 -28.39
N ALA B 142 -12.81 -0.53 -28.05
CA ALA B 142 -13.38 0.42 -29.00
C ALA B 142 -12.39 1.53 -29.37
N ILE B 143 -11.63 2.02 -28.39
CA ILE B 143 -10.70 3.12 -28.66
C ILE B 143 -9.63 2.67 -29.64
N ILE B 144 -8.97 1.55 -29.36
CA ILE B 144 -7.88 1.09 -30.21
C ILE B 144 -8.34 0.55 -31.55
N SER B 145 -9.65 0.37 -31.74
CA SER B 145 -10.24 -0.02 -33.02
C SER B 145 -10.73 1.17 -33.82
N SER B 146 -10.45 2.41 -33.40
CA SER B 146 -11.10 3.59 -33.96
C SER B 146 -10.21 4.41 -34.88
N SER B 147 -9.02 3.92 -35.24
CA SER B 147 -8.05 4.74 -36.00
C SER B 147 -8.60 5.21 -37.35
N SER B 148 -9.36 4.37 -38.04
CA SER B 148 -9.94 4.78 -39.32
C SER B 148 -10.87 5.99 -39.19
N GLU B 149 -11.37 6.28 -38.00
CA GLU B 149 -12.31 7.36 -37.76
C GLU B 149 -11.66 8.60 -37.17
N PHE B 150 -10.36 8.54 -36.88
CA PHE B 150 -9.66 9.63 -36.24
C PHE B 150 -9.68 10.87 -37.15
N PRO B 151 -9.92 12.05 -36.61
CA PRO B 151 -10.00 13.24 -37.46
C PRO B 151 -8.63 13.54 -38.05
N PRO B 152 -8.56 13.89 -39.33
CA PRO B 152 -7.23 14.07 -39.95
C PRO B 152 -6.42 15.20 -39.33
N GLN B 153 -7.05 16.32 -38.98
CA GLN B 153 -6.28 17.39 -38.36
C GLN B 153 -5.75 16.99 -37.00
N LEU B 154 -6.50 16.19 -36.25
CA LEU B 154 -5.97 15.69 -34.98
C LEU B 154 -4.85 14.68 -35.21
N ARG B 155 -4.96 13.85 -36.25
CA ARG B 155 -3.84 12.99 -36.60
C ARG B 155 -2.55 13.81 -36.83
N SER B 156 -2.67 14.98 -37.45
CA SER B 156 -1.46 15.77 -37.70
CA SER B 156 -1.46 15.77 -37.70
C SER B 156 -0.95 16.42 -36.42
N VAL B 157 -1.84 16.76 -35.48
CA VAL B 157 -1.40 17.26 -34.18
C VAL B 157 -0.58 16.21 -33.47
N CYS B 158 -1.09 14.98 -33.41
CA CYS B 158 -0.37 13.89 -32.75
C CYS B 158 0.90 13.52 -33.51
N HIS B 159 0.86 13.51 -34.85
CA HIS B 159 2.10 13.23 -35.56
C HIS B 159 3.14 14.31 -35.30
N CYS B 160 2.71 15.57 -35.22
CA CYS B 160 3.69 16.63 -35.02
C CYS B 160 4.37 16.49 -33.66
N LEU B 161 3.59 16.21 -32.62
CA LEU B 161 4.15 15.93 -31.29
C LEU B 161 5.10 14.74 -31.33
N TYR B 162 4.68 13.65 -31.98
CA TYR B 162 5.53 12.47 -32.09
C TYR B 162 6.84 12.79 -32.79
N GLN B 163 6.79 13.52 -33.90
CA GLN B 163 8.03 13.80 -34.65
C GLN B 163 8.98 14.68 -33.84
N VAL B 164 8.44 15.71 -33.18
CA VAL B 164 9.29 16.61 -32.41
C VAL B 164 9.94 15.88 -31.24
N VAL B 165 9.14 15.17 -30.44
CA VAL B 165 9.71 14.45 -29.30
C VAL B 165 10.74 13.42 -29.76
N SER B 166 10.53 12.79 -30.93
CA SER B 166 11.43 11.73 -31.41
C SER B 166 12.83 12.23 -31.76
N GLN B 167 12.99 13.51 -32.08
CA GLN B 167 14.32 14.04 -32.40
C GLN B 167 15.25 14.03 -31.21
N ARG B 168 14.72 14.01 -29.99
CA ARG B 168 15.51 14.10 -28.78
C ARG B 168 15.27 12.95 -27.80
N PHE B 169 14.05 12.43 -27.73
CA PHE B 169 13.69 11.35 -26.80
C PHE B 169 13.02 10.23 -27.59
N PRO B 170 13.77 9.54 -28.47
CA PRO B 170 13.15 8.60 -29.40
C PRO B 170 12.43 7.46 -28.69
N GLN B 171 12.95 7.01 -27.54
CA GLN B 171 12.36 5.92 -26.79
C GLN B 171 11.11 6.30 -26.01
N ASN B 172 10.76 7.58 -25.90
CA ASN B 172 9.52 7.93 -25.21
C ASN B 172 8.54 8.66 -26.11
N SER B 173 8.82 8.76 -27.41
CA SER B 173 7.95 9.55 -28.27
C SER B 173 6.57 8.93 -28.41
N ILE B 174 6.47 7.61 -28.52
CA ILE B 174 5.08 7.08 -28.62
C ILE B 174 4.33 7.15 -27.29
N GLY B 175 5.00 6.94 -26.16
CA GLY B 175 4.32 7.11 -24.89
C GLY B 175 3.77 8.53 -24.71
N ALA B 176 4.50 9.54 -25.20
CA ALA B 176 4.07 10.92 -25.04
C ALA B 176 2.76 11.20 -25.75
N VAL B 177 2.62 10.70 -26.98
CA VAL B 177 1.35 10.82 -27.70
C VAL B 177 0.25 10.08 -26.94
N GLY B 178 0.54 8.84 -26.55
CA GLY B 178 -0.46 8.04 -25.88
C GLY B 178 -0.95 8.67 -24.59
N SER B 179 -0.02 9.08 -23.73
CA SER B 179 -0.41 9.76 -22.50
C SER B 179 -1.25 11.00 -22.79
N ALA B 180 -0.81 11.83 -23.74
CA ALA B 180 -1.52 13.08 -24.03
C ALA B 180 -2.96 12.82 -24.47
N MET B 181 -3.14 11.84 -25.34
CA MET B 181 -4.45 11.56 -25.91
C MET B 181 -5.43 11.06 -24.85
N PHE B 182 -4.96 10.23 -23.91
CA PHE B 182 -5.86 9.81 -22.84
C PHE B 182 -6.03 10.89 -21.77
N LEU B 183 -4.94 11.50 -21.33
CA LEU B 183 -5.01 12.44 -20.23
C LEU B 183 -5.83 13.68 -20.59
N ARG B 184 -5.60 14.21 -21.78
CA ARG B 184 -6.10 15.53 -22.13
C ARG B 184 -7.28 15.50 -23.09
N PHE B 185 -7.79 14.31 -23.43
CA PHE B 185 -8.79 14.20 -24.48
C PHE B 185 -9.86 13.16 -24.14
N ILE B 186 -9.46 11.90 -24.07
CA ILE B 186 -10.43 10.82 -23.88
C ILE B 186 -10.92 10.78 -22.44
N ASN B 187 -9.99 10.67 -21.47
CA ASN B 187 -10.41 10.45 -20.09
C ASN B 187 -11.24 11.59 -19.49
N PRO B 188 -10.97 12.88 -19.75
CA PRO B 188 -11.86 13.91 -19.21
C PRO B 188 -13.32 13.72 -19.61
N ALA B 189 -13.54 13.23 -20.84
CA ALA B 189 -14.90 13.02 -21.32
C ALA B 189 -15.53 11.77 -20.72
N ILE B 190 -14.75 10.71 -20.50
CA ILE B 190 -15.31 9.52 -19.87
C ILE B 190 -15.73 9.85 -18.44
N VAL B 191 -14.90 10.59 -17.72
CA VAL B 191 -15.18 10.88 -16.32
C VAL B 191 -16.44 11.74 -16.20
N SER B 192 -16.58 12.75 -17.05
CA SER B 192 -17.70 13.70 -16.95
C SER B 192 -18.42 13.82 -18.29
N PRO B 193 -19.12 12.75 -18.71
CA PRO B 193 -19.74 12.76 -20.05
C PRO B 193 -20.81 13.81 -20.26
N TYR B 194 -21.52 14.20 -19.19
CA TYR B 194 -22.55 15.22 -19.35
C TYR B 194 -21.91 16.59 -19.61
N GLU B 195 -20.94 16.96 -18.79
CA GLU B 195 -20.27 18.24 -18.94
C GLU B 195 -19.49 18.31 -20.25
N ALA B 196 -19.07 17.15 -20.76
CA ALA B 196 -18.42 17.12 -22.07
C ALA B 196 -19.41 17.27 -23.21
N GLY B 197 -20.71 17.32 -22.92
CA GLY B 197 -21.69 17.46 -23.96
C GLY B 197 -22.01 16.20 -24.72
N ILE B 198 -21.55 15.04 -24.26
CA ILE B 198 -21.85 13.79 -24.94
C ILE B 198 -23.20 13.25 -24.50
N LEU B 199 -23.52 13.36 -23.20
CA LEU B 199 -24.81 12.96 -22.68
C LEU B 199 -25.64 14.18 -22.30
N ASP B 200 -26.96 14.01 -22.33
CA ASP B 200 -27.90 15.08 -22.03
C ASP B 200 -28.24 15.15 -20.56
N LYS B 201 -27.79 14.16 -19.79
CA LYS B 201 -28.10 14.03 -18.38
C LYS B 201 -26.86 13.48 -17.71
N LYS B 202 -26.57 13.96 -16.51
CA LYS B 202 -25.49 13.37 -15.74
C LYS B 202 -25.85 11.91 -15.44
N PRO B 203 -24.93 10.96 -15.61
CA PRO B 203 -25.27 9.56 -15.31
C PRO B 203 -25.47 9.34 -13.83
N PRO B 204 -26.14 8.25 -13.44
CA PRO B 204 -26.39 7.97 -12.03
C PRO B 204 -25.08 7.76 -11.27
N PRO B 205 -25.10 7.99 -9.96
CA PRO B 205 -23.85 7.94 -9.18
C PRO B 205 -23.10 6.62 -9.24
N ARG B 206 -23.80 5.48 -9.22
CA ARG B 206 -23.11 4.21 -9.35
C ARG B 206 -22.36 4.14 -10.68
N ILE B 207 -22.93 4.74 -11.72
CA ILE B 207 -22.27 4.74 -13.02
C ILE B 207 -21.09 5.71 -13.01
N GLU B 208 -21.27 6.91 -12.43
CA GLU B 208 -20.16 7.85 -12.38
C GLU B 208 -18.97 7.25 -11.66
N ARG B 209 -19.24 6.51 -10.59
CA ARG B 209 -18.16 5.84 -9.88
C ARG B 209 -17.38 4.91 -10.80
N GLY B 210 -18.11 4.10 -11.58
CA GLY B 210 -17.43 3.19 -12.50
C GLY B 210 -16.66 3.90 -13.58
N LEU B 211 -17.24 4.97 -14.15
CA LEU B 211 -16.56 5.73 -15.19
C LEU B 211 -15.23 6.29 -14.69
N LYS B 212 -15.21 6.83 -13.46
CA LYS B 212 -13.99 7.39 -12.91
C LYS B 212 -12.94 6.31 -12.69
N LEU B 213 -13.34 5.17 -12.14
CA LEU B 213 -12.39 4.07 -11.91
C LEU B 213 -11.87 3.51 -13.22
N MET B 214 -12.74 3.35 -14.21
CA MET B 214 -12.28 2.88 -15.52
C MET B 214 -11.26 3.84 -16.12
N SER B 215 -11.53 5.14 -16.03
CA SER B 215 -10.60 6.10 -16.60
C SER B 215 -9.23 6.01 -15.94
N LYS B 216 -9.20 5.69 -14.65
CA LYS B 216 -7.91 5.49 -13.98
C LYS B 216 -7.17 4.30 -14.56
N ILE B 217 -7.89 3.22 -14.88
CA ILE B 217 -7.25 2.06 -15.49
C ILE B 217 -6.77 2.39 -16.91
N LEU B 218 -7.60 3.06 -17.71
CA LEU B 218 -7.20 3.43 -19.07
C LEU B 218 -5.98 4.33 -19.06
N GLN B 219 -5.93 5.26 -18.11
CA GLN B 219 -4.77 6.13 -18.03
C GLN B 219 -3.53 5.35 -17.65
N SER B 220 -3.68 4.35 -16.79
CA SER B 220 -2.54 3.53 -16.41
C SER B 220 -1.98 2.79 -17.64
N ILE B 221 -2.88 2.27 -18.48
CA ILE B 221 -2.46 1.61 -19.71
C ILE B 221 -1.77 2.63 -20.62
N ALA B 222 -2.39 3.80 -20.81
CA ALA B 222 -1.87 4.78 -21.75
C ALA B 222 -0.48 5.27 -21.34
N ASN B 223 -0.24 5.40 -20.03
CA ASN B 223 1.02 5.91 -19.50
C ASN B 223 2.10 4.84 -19.29
N HIS B 224 1.77 3.56 -19.45
CA HIS B 224 2.69 2.45 -19.20
C HIS B 224 3.15 2.35 -17.74
N VAL B 225 2.41 2.94 -16.80
CA VAL B 225 2.70 2.84 -15.36
C VAL B 225 1.74 1.86 -14.70
N LEU B 226 2.28 1.06 -13.77
CA LEU B 226 1.42 0.18 -13.00
C LEU B 226 0.90 0.90 -11.76
N PHE B 227 -0.18 0.38 -11.22
CA PHE B 227 -0.75 0.93 -9.99
C PHE B 227 0.15 0.60 -8.81
N THR B 228 0.67 1.62 -8.15
CA THR B 228 1.48 1.48 -6.94
C THR B 228 1.06 2.40 -5.82
N LYS B 229 0.02 3.21 -6.02
CA LYS B 229 -0.37 4.18 -5.01
C LYS B 229 -1.54 3.68 -4.17
N GLU B 230 -2.74 3.70 -4.73
CA GLU B 230 -3.91 3.19 -4.06
C GLU B 230 -3.86 1.67 -3.98
N GLU B 231 -4.04 1.13 -2.77
CA GLU B 231 -4.00 -0.31 -2.60
C GLU B 231 -5.06 -1.00 -3.44
N HIS B 232 -6.28 -0.44 -3.48
CA HIS B 232 -7.38 -1.15 -4.12
C HIS B 232 -7.29 -1.17 -5.64
N MET B 233 -6.33 -0.46 -6.23
CA MET B 233 -6.17 -0.48 -7.68
C MET B 233 -5.17 -1.52 -8.16
N ARG B 234 -4.27 -1.98 -7.30
CA ARG B 234 -3.27 -2.95 -7.74
C ARG B 234 -3.86 -4.22 -8.32
N PRO B 235 -5.03 -4.75 -7.87
CA PRO B 235 -5.56 -5.96 -8.53
C PRO B 235 -5.76 -5.81 -10.04
N PHE B 236 -5.78 -4.60 -10.58
CA PHE B 236 -5.99 -4.45 -12.02
C PHE B 236 -4.68 -4.37 -12.80
N ASN B 237 -3.54 -4.55 -12.12
CA ASN B 237 -2.26 -4.42 -12.80
C ASN B 237 -2.05 -5.50 -13.86
N ASP B 238 -2.58 -6.70 -13.65
CA ASP B 238 -2.40 -7.73 -14.66
C ASP B 238 -3.19 -7.41 -15.92
N PHE B 239 -4.41 -6.90 -15.77
CA PHE B 239 -5.15 -6.40 -16.92
C PHE B 239 -4.38 -5.25 -17.60
N VAL B 240 -3.81 -4.35 -16.79
CA VAL B 240 -3.06 -3.24 -17.37
C VAL B 240 -1.91 -3.74 -18.22
N LYS B 241 -1.06 -4.62 -17.65
CA LYS B 241 0.07 -5.16 -18.39
C LYS B 241 -0.36 -5.86 -19.67
N SER B 242 -1.46 -6.61 -19.61
CA SER B 242 -1.88 -7.36 -20.78
C SER B 242 -2.33 -6.46 -21.92
N ASN B 243 -2.53 -5.16 -21.69
CA ASN B 243 -3.00 -4.25 -22.73
C ASN B 243 -1.97 -3.22 -23.16
N PHE B 244 -0.78 -3.22 -22.56
CA PHE B 244 0.28 -2.29 -22.95
C PHE B 244 0.55 -2.36 -24.45
N ASP B 245 0.70 -3.56 -25.00
CA ASP B 245 1.16 -3.70 -26.38
C ASP B 245 0.10 -3.24 -27.37
N ALA B 246 -1.16 -3.62 -27.15
CA ALA B 246 -2.23 -3.13 -28.02
C ALA B 246 -2.32 -1.61 -27.99
N ALA B 247 -2.10 -1.02 -26.80
CA ALA B 247 -2.14 0.43 -26.69
C ALA B 247 -1.03 1.07 -27.53
N ARG B 248 0.19 0.56 -27.41
CA ARG B 248 1.30 1.07 -28.20
C ARG B 248 1.04 0.92 -29.70
N ARG B 249 0.50 -0.21 -30.13
CA ARG B 249 0.21 -0.38 -31.55
C ARG B 249 -0.81 0.66 -32.02
N PHE B 250 -1.79 0.99 -31.18
CA PHE B 250 -2.76 1.99 -31.56
C PHE B 250 -2.11 3.37 -31.65
N PHE B 251 -1.30 3.73 -30.65
CA PHE B 251 -0.63 5.02 -30.66
C PHE B 251 0.31 5.14 -31.86
N LEU B 252 1.03 4.06 -32.21
CA LEU B 252 1.88 4.07 -33.39
C LEU B 252 1.09 4.31 -34.67
N ASP B 253 -0.08 3.67 -34.80
CA ASP B 253 -0.94 3.90 -35.95
C ASP B 253 -1.28 5.38 -36.07
N ILE B 254 -1.63 6.01 -34.95
CA ILE B 254 -2.09 7.40 -34.98
C ILE B 254 -0.94 8.38 -35.18
N ALA B 255 0.25 8.09 -34.65
CA ALA B 255 1.31 9.08 -34.52
C ALA B 255 2.43 8.99 -35.56
N SER B 256 2.53 7.91 -36.33
CA SER B 256 3.69 7.72 -37.22
C SER B 256 3.56 8.37 -38.61
N MET C 2 -16.14 -39.63 12.58
CA MET C 2 -16.30 -38.92 13.85
C MET C 2 -16.25 -37.42 13.59
N THR C 3 -16.55 -36.62 14.60
CA THR C 3 -16.65 -35.17 14.44
C THR C 3 -15.27 -34.53 14.58
N GLU C 4 -15.01 -33.53 13.74
CA GLU C 4 -13.76 -32.80 13.75
C GLU C 4 -14.00 -31.36 14.21
N TYR C 5 -13.18 -30.89 15.14
CA TYR C 5 -13.26 -29.52 15.64
C TYR C 5 -12.00 -28.78 15.22
N LYS C 6 -12.17 -27.65 14.57
CA LYS C 6 -11.04 -26.86 14.08
C LYS C 6 -10.79 -25.74 15.08
N LEU C 7 -9.79 -25.96 15.93
CA LEU C 7 -9.39 -25.06 16.98
C LEU C 7 -8.21 -24.23 16.48
N VAL C 8 -8.19 -22.95 16.85
CA VAL C 8 -7.13 -22.01 16.50
C VAL C 8 -6.65 -21.32 17.75
N VAL C 9 -5.34 -21.37 18.00
CA VAL C 9 -4.72 -20.73 19.15
C VAL C 9 -4.13 -19.40 18.68
N VAL C 10 -4.62 -18.30 19.24
CA VAL C 10 -4.18 -16.96 18.85
C VAL C 10 -3.67 -16.22 20.08
N GLY C 11 -2.95 -15.13 19.82
CA GLY C 11 -2.43 -14.29 20.87
C GLY C 11 -1.11 -13.66 20.47
N ALA C 12 -0.66 -12.74 21.31
CA ALA C 12 0.58 -12.00 21.05
C ALA C 12 1.79 -12.91 21.12
N GLY C 13 2.91 -12.42 20.58
CA GLY C 13 4.13 -13.20 20.58
C GLY C 13 4.65 -13.45 21.99
N ASP C 14 5.24 -14.64 22.19
CA ASP C 14 5.89 -15.06 23.44
C ASP C 14 4.93 -15.34 24.59
N VAL C 15 3.63 -15.51 24.32
CA VAL C 15 2.73 -15.82 25.42
C VAL C 15 2.66 -17.29 25.76
N GLY C 16 3.15 -18.17 24.89
CA GLY C 16 3.15 -19.60 25.14
C GLY C 16 2.11 -20.41 24.35
N LYS C 17 1.63 -19.89 23.21
CA LYS C 17 0.68 -20.64 22.37
C LYS C 17 1.26 -21.99 21.94
N SER C 18 2.49 -21.98 21.42
CA SER C 18 3.12 -23.23 20.99
C SER C 18 3.36 -24.15 22.18
N ALA C 19 3.88 -23.61 23.28
CA ALA C 19 4.17 -24.45 24.45
C ALA C 19 2.91 -25.14 24.94
N LEU C 20 1.79 -24.41 24.97
CA LEU C 20 0.53 -25.02 25.37
C LEU C 20 0.11 -26.12 24.40
N THR C 21 0.26 -25.86 23.09
CA THR C 21 -0.14 -26.83 22.09
C THR C 21 0.72 -28.09 22.14
N ILE C 22 2.05 -27.90 22.27
CA ILE C 22 2.97 -29.02 22.35
C ILE C 22 2.71 -29.83 23.63
N GLN C 23 2.33 -29.15 24.71
CA GLN C 23 1.95 -29.84 25.94
C GLN C 23 0.75 -30.74 25.70
N LEU C 24 -0.29 -30.21 25.03
CA LEU C 24 -1.48 -31.00 24.74
C LEU C 24 -1.17 -32.17 23.83
N ILE C 25 -0.35 -31.94 22.79
CA ILE C 25 -0.13 -32.97 21.79
C ILE C 25 0.97 -33.94 22.20
N GLN C 26 2.07 -33.42 22.78
CA GLN C 26 3.26 -34.23 23.01
C GLN C 26 3.69 -34.34 24.47
N ASN C 27 2.97 -33.71 25.40
CA ASN C 27 3.17 -33.95 26.84
C ASN C 27 4.58 -33.65 27.31
N HIS C 28 5.17 -32.60 26.75
CA HIS C 28 6.42 -32.08 27.30
C HIS C 28 6.39 -30.56 27.12
N PHE C 29 7.30 -29.90 27.82
CA PHE C 29 7.36 -28.45 27.84
C PHE C 29 8.62 -28.04 27.09
N VAL C 30 8.46 -27.10 26.16
CA VAL C 30 9.57 -26.64 25.34
C VAL C 30 9.97 -25.25 25.81
N ASP C 31 11.26 -25.07 26.11
CA ASP C 31 11.84 -23.76 26.40
C ASP C 31 12.90 -23.49 25.34
N GLU C 32 12.45 -22.98 24.20
CA GLU C 32 13.33 -22.51 23.15
C GLU C 32 12.69 -21.24 22.61
N TYR C 33 13.50 -20.38 22.02
CA TYR C 33 12.94 -19.23 21.33
C TYR C 33 12.76 -19.64 19.89
N ASP C 34 11.51 -19.74 19.47
CA ASP C 34 11.17 -20.28 18.15
C ASP C 34 9.84 -19.68 17.72
N PRO C 35 9.87 -18.42 17.28
CA PRO C 35 8.61 -17.78 16.87
C PRO C 35 7.96 -18.53 15.72
N THR C 36 6.64 -18.68 15.82
CA THR C 36 5.86 -19.48 14.90
C THR C 36 5.45 -18.67 13.68
N ILE C 37 5.44 -19.33 12.54
CA ILE C 37 4.78 -18.79 11.36
C ILE C 37 3.39 -19.40 11.29
N GLU C 38 3.35 -20.74 11.23
CA GLU C 38 2.11 -21.51 11.35
C GLU C 38 2.38 -23.00 11.54
N ASP C 39 1.92 -23.57 12.66
CA ASP C 39 2.06 -25.00 12.93
C ASP C 39 0.67 -25.61 13.10
N SER C 40 0.55 -26.89 12.71
CA SER C 40 -0.73 -27.59 12.69
C SER C 40 -0.57 -28.96 13.33
N TYR C 41 -1.51 -29.32 14.20
CA TYR C 41 -1.50 -30.61 14.89
C TYR C 41 -2.89 -31.24 14.82
N ARG C 42 -2.93 -32.55 15.05
CA ARG C 42 -4.19 -33.26 15.14
C ARG C 42 -4.13 -34.23 16.30
N LYS C 43 -5.29 -34.42 16.95
CA LYS C 43 -5.38 -35.34 18.07
C LYS C 43 -6.79 -35.88 18.18
N GLN C 44 -6.90 -37.19 18.40
CA GLN C 44 -8.17 -37.81 18.68
C GLN C 44 -8.34 -37.87 20.18
N VAL C 45 -9.50 -37.40 20.67
CA VAL C 45 -9.81 -37.44 22.09
C VAL C 45 -11.27 -37.78 22.28
N VAL C 46 -11.60 -38.06 23.54
CA VAL C 46 -12.97 -38.27 24.01
C VAL C 46 -13.30 -37.12 24.95
N ILE C 47 -14.30 -36.35 24.59
CA ILE C 47 -14.70 -35.20 25.43
C ILE C 47 -16.17 -35.35 25.77
N ASP C 48 -16.45 -35.50 27.07
CA ASP C 48 -17.83 -35.73 27.57
C ASP C 48 -18.44 -36.97 26.87
N GLY C 49 -17.69 -38.04 26.70
CA GLY C 49 -18.20 -39.26 26.05
C GLY C 49 -18.19 -39.27 24.53
N GLU C 50 -18.08 -38.12 23.87
CA GLU C 50 -18.05 -38.08 22.38
C GLU C 50 -16.60 -38.21 21.94
N THR C 51 -16.32 -39.20 21.10
CA THR C 51 -14.95 -39.37 20.58
C THR C 51 -14.79 -38.39 19.43
N CYS C 52 -13.80 -37.50 19.47
CA CYS C 52 -13.73 -36.54 18.35
C CYS C 52 -12.30 -36.25 17.93
N LEU C 53 -12.16 -35.60 16.78
CA LEU C 53 -10.82 -35.26 16.24
C LEU C 53 -10.57 -33.76 16.38
N LEU C 54 -9.47 -33.43 17.01
CA LEU C 54 -9.07 -32.04 17.17
C LEU C 54 -8.09 -31.68 16.05
N ASP C 55 -8.42 -30.64 15.29
CA ASP C 55 -7.51 -30.03 14.33
C ASP C 55 -7.05 -28.71 14.94
N ILE C 56 -5.76 -28.64 15.31
CA ILE C 56 -5.22 -27.51 16.04
C ILE C 56 -4.32 -26.72 15.09
N LEU C 57 -4.62 -25.43 14.94
CA LEU C 57 -3.76 -24.49 14.25
C LEU C 57 -3.11 -23.58 15.27
N ASP C 58 -1.79 -23.56 15.29
CA ASP C 58 -0.99 -22.73 16.18
C ASP C 58 -0.43 -21.57 15.35
N THR C 59 -0.89 -20.35 15.63
CA THR C 59 -0.63 -19.23 14.73
C THR C 59 0.52 -18.36 15.25
N ALA C 60 0.86 -17.37 14.44
CA ALA C 60 1.98 -16.49 14.72
C ALA C 60 1.55 -15.32 15.59
N GLY C 61 2.30 -15.07 16.66
CA GLY C 61 2.15 -13.86 17.44
C GLY C 61 3.02 -12.73 16.88
N GLN C 62 4.06 -13.07 16.12
CA GLN C 62 4.92 -12.05 15.52
C GLN C 62 4.07 -11.22 14.56
N GLU C 63 4.07 -9.90 14.77
CA GLU C 63 3.07 -9.04 14.13
C GLU C 63 3.24 -8.92 12.61
N GLU C 64 4.43 -9.20 12.07
CA GLU C 64 4.63 -9.12 10.63
C GLU C 64 3.79 -10.12 9.84
N TYR C 65 3.23 -11.14 10.50
CA TYR C 65 2.46 -12.18 9.84
C TYR C 65 0.95 -11.97 9.94
N SER C 66 0.52 -10.74 10.26
CA SER C 66 -0.89 -10.45 10.50
C SER C 66 -1.76 -10.64 9.27
N ALA C 67 -1.17 -10.67 8.07
CA ALA C 67 -1.96 -10.82 6.85
C ALA C 67 -2.64 -12.18 6.75
N MET C 68 -2.15 -13.19 7.47
CA MET C 68 -2.78 -14.50 7.34
C MET C 68 -3.86 -14.72 8.37
N ARG C 69 -4.17 -13.70 9.19
CA ARG C 69 -5.22 -13.86 10.18
C ARG C 69 -6.58 -14.04 9.53
N ASP C 70 -6.85 -13.28 8.47
CA ASP C 70 -8.18 -13.32 7.86
C ASP C 70 -8.54 -14.73 7.45
N GLN C 71 -7.60 -15.44 6.83
CA GLN C 71 -7.86 -16.79 6.34
C GLN C 71 -8.14 -17.75 7.50
N TYR C 72 -7.25 -17.79 8.50
CA TYR C 72 -7.44 -18.79 9.54
C TYR C 72 -8.60 -18.42 10.45
N MET C 73 -8.93 -17.14 10.57
CA MET C 73 -10.13 -16.77 11.31
C MET C 73 -11.40 -17.14 10.53
N ARG C 74 -11.35 -17.13 9.20
CA ARG C 74 -12.49 -17.54 8.40
C ARG C 74 -12.80 -19.02 8.57
N THR C 75 -11.77 -19.87 8.57
CA THR C 75 -11.96 -21.31 8.59
C THR C 75 -12.05 -21.91 9.99
N GLY C 76 -11.45 -21.27 11.00
CA GLY C 76 -11.48 -21.83 12.33
C GLY C 76 -12.88 -21.82 12.93
N GLU C 77 -13.16 -22.82 13.77
CA GLU C 77 -14.44 -22.89 14.46
C GLU C 77 -14.40 -22.40 15.90
N GLY C 78 -13.25 -22.45 16.56
CA GLY C 78 -13.12 -21.95 17.90
C GLY C 78 -11.73 -21.38 18.09
N PHE C 79 -11.61 -20.43 19.01
CA PHE C 79 -10.38 -19.67 19.19
C PHE C 79 -9.98 -19.67 20.66
N LEU C 80 -8.80 -20.20 20.95
CA LEU C 80 -8.15 -20.06 22.26
C LEU C 80 -7.33 -18.77 22.24
N CYS C 81 -7.78 -17.76 22.99
CA CYS C 81 -7.14 -16.45 23.02
C CYS C 81 -6.22 -16.35 24.24
N VAL C 82 -4.91 -16.37 23.98
CA VAL C 82 -3.91 -16.55 25.01
C VAL C 82 -3.17 -15.24 25.27
N PHE C 83 -3.10 -14.85 26.52
CA PHE C 83 -2.17 -13.82 26.97
C PHE C 83 -1.29 -14.45 28.04
N ALA C 84 -0.25 -13.74 28.44
CA ALA C 84 0.60 -14.15 29.55
C ALA C 84 0.30 -13.28 30.75
N ILE C 85 0.15 -13.91 31.93
CA ILE C 85 -0.24 -13.17 33.12
C ILE C 85 0.83 -12.20 33.60
N ASN C 86 2.05 -12.29 33.07
CA ASN C 86 3.15 -11.41 33.44
C ASN C 86 3.47 -10.39 32.36
N ASN C 87 2.56 -10.21 31.40
CA ASN C 87 2.80 -9.30 30.28
C ASN C 87 1.49 -8.56 30.01
N THR C 88 1.43 -7.31 30.45
CA THR C 88 0.21 -6.50 30.30
C THR C 88 -0.10 -6.22 28.84
N LYS C 89 0.94 -5.96 28.03
CA LYS C 89 0.70 -5.69 26.62
C LYS C 89 0.02 -6.89 25.94
N SER C 90 0.40 -8.11 26.32
CA SER C 90 -0.25 -9.27 25.71
C SER C 90 -1.73 -9.33 26.09
N PHE C 91 -2.07 -8.91 27.31
CA PHE C 91 -3.47 -8.83 27.71
C PHE C 91 -4.21 -7.77 26.90
N GLU C 92 -3.60 -6.58 26.73
CA GLU C 92 -4.23 -5.54 25.92
C GLU C 92 -4.41 -5.99 24.48
N ASP C 93 -3.50 -6.81 23.97
CA ASP C 93 -3.58 -7.31 22.60
C ASP C 93 -4.77 -8.25 22.38
N ILE C 94 -5.29 -8.87 23.45
CA ILE C 94 -6.45 -9.77 23.32
C ILE C 94 -7.61 -9.08 22.62
N HIS C 95 -7.86 -7.82 22.97
CA HIS C 95 -9.00 -7.10 22.40
CA HIS C 95 -8.98 -7.08 22.40
C HIS C 95 -8.92 -7.06 20.88
N HIS C 96 -7.72 -6.86 20.33
CA HIS C 96 -7.58 -6.75 18.88
C HIS C 96 -7.84 -8.08 18.19
N TYR C 97 -7.42 -9.19 18.81
CA TYR C 97 -7.72 -10.48 18.22
C TYR C 97 -9.23 -10.74 18.20
N ARG C 98 -9.90 -10.49 19.33
CA ARG C 98 -11.34 -10.77 19.39
C ARG C 98 -12.12 -9.95 18.37
N GLU C 99 -11.76 -8.68 18.20
CA GLU C 99 -12.58 -7.85 17.33
C GLU C 99 -12.37 -8.21 15.87
N GLN C 100 -11.17 -8.69 15.51
CA GLN C 100 -10.99 -9.19 14.15
C GLN C 100 -11.74 -10.49 13.95
N ILE C 101 -11.72 -11.38 14.94
CA ILE C 101 -12.52 -12.60 14.86
C ILE C 101 -13.99 -12.25 14.71
N LYS C 102 -14.47 -11.29 15.51
CA LYS C 102 -15.88 -10.89 15.41
C LYS C 102 -16.18 -10.27 14.07
N ARG C 103 -15.22 -9.54 13.50
CA ARG C 103 -15.38 -8.93 12.17
C ARG C 103 -15.32 -9.95 11.06
N VAL C 104 -14.36 -10.89 11.11
CA VAL C 104 -14.23 -11.85 10.02
C VAL C 104 -15.42 -12.80 9.99
N LYS C 105 -15.88 -13.22 11.15
CA LYS C 105 -17.22 -13.76 11.23
C LYS C 105 -18.17 -12.56 11.23
N ASP C 106 -19.46 -12.78 11.08
CA ASP C 106 -20.37 -11.64 11.21
C ASP C 106 -21.19 -11.79 12.49
N SER C 107 -20.56 -12.34 13.51
CA SER C 107 -21.22 -12.65 14.76
C SER C 107 -20.46 -12.04 15.93
N GLU C 108 -21.20 -11.78 17.01
CA GLU C 108 -20.59 -11.46 18.29
C GLU C 108 -20.59 -12.67 19.21
N ASP C 109 -21.05 -13.82 18.70
CA ASP C 109 -21.12 -15.07 19.44
C ASP C 109 -20.27 -16.11 18.70
N VAL C 110 -18.96 -16.00 18.89
CA VAL C 110 -17.99 -16.92 18.29
C VAL C 110 -17.39 -17.75 19.40
N PRO C 111 -17.32 -19.08 19.27
CA PRO C 111 -16.72 -19.90 20.33
C PRO C 111 -15.32 -19.42 20.65
N MET C 112 -15.10 -19.10 21.92
CA MET C 112 -13.82 -18.56 22.34
C MET C 112 -13.59 -18.88 23.80
N VAL C 113 -12.32 -18.99 24.17
CA VAL C 113 -11.92 -19.18 25.55
C VAL C 113 -10.74 -18.27 25.83
N LEU C 114 -10.82 -17.50 26.91
CA LEU C 114 -9.73 -16.63 27.30
C LEU C 114 -8.78 -17.45 28.17
N VAL C 115 -7.50 -17.43 27.81
CA VAL C 115 -6.49 -18.23 28.49
C VAL C 115 -5.40 -17.32 29.03
N GLY C 116 -5.22 -17.33 30.34
CA GLY C 116 -4.09 -16.64 30.95
C GLY C 116 -2.97 -17.61 31.27
N ASN C 117 -1.90 -17.60 30.49
CA ASN C 117 -0.85 -18.60 30.61
C ASN C 117 0.31 -18.09 31.46
N LYS C 118 1.19 -19.02 31.84
CA LYS C 118 2.39 -18.77 32.65
C LYS C 118 2.03 -18.52 34.12
N CYS C 119 1.16 -19.36 34.66
CA CYS C 119 0.75 -19.22 36.05
C CYS C 119 1.75 -19.81 37.04
N ASP C 120 2.79 -20.49 36.57
CA ASP C 120 3.86 -20.93 37.46
C ASP C 120 4.80 -19.81 37.83
N LEU C 121 4.70 -18.65 37.18
CA LEU C 121 5.61 -17.53 37.40
C LEU C 121 5.09 -16.64 38.53
N PRO C 122 6.03 -16.09 39.31
CA PRO C 122 5.68 -15.04 40.27
C PRO C 122 5.61 -13.71 39.54
N SER C 123 5.39 -12.65 40.31
CA SER C 123 5.25 -11.29 39.79
C SER C 123 4.36 -11.29 38.56
N ARG C 124 3.05 -11.24 38.77
CA ARG C 124 2.07 -11.24 37.70
C ARG C 124 1.48 -9.84 37.64
N THR C 125 1.33 -9.32 36.43
CA THR C 125 0.89 -7.95 36.24
C THR C 125 -0.55 -7.84 35.76
N VAL C 126 -1.22 -8.96 35.49
CA VAL C 126 -2.62 -8.97 35.11
C VAL C 126 -3.34 -9.81 36.17
N ASP C 127 -4.22 -9.17 36.93
CA ASP C 127 -4.94 -9.86 38.00
C ASP C 127 -6.01 -10.79 37.43
N THR C 128 -6.20 -11.90 38.15
CA THR C 128 -7.25 -12.84 37.80
C THR C 128 -8.60 -12.13 37.66
N LYS C 129 -8.86 -11.16 38.55
CA LYS C 129 -10.13 -10.45 38.50
C LYS C 129 -10.23 -9.61 37.23
N GLN C 130 -9.13 -8.98 36.82
CA GLN C 130 -9.17 -8.23 35.57
C GLN C 130 -9.49 -9.14 34.40
N ALA C 131 -8.92 -10.35 34.39
CA ALA C 131 -9.17 -11.27 33.29
C ALA C 131 -10.60 -11.81 33.32
N GLN C 132 -11.10 -12.11 34.53
CA GLN C 132 -12.49 -12.55 34.63
C GLN C 132 -13.45 -11.48 34.13
N ASP C 133 -13.13 -10.20 34.40
CA ASP C 133 -14.03 -9.15 33.98
C ASP C 133 -14.07 -9.03 32.45
N LEU C 134 -12.91 -9.15 31.80
CA LEU C 134 -12.86 -9.14 30.35
C LEU C 134 -13.64 -10.32 29.78
N ALA C 135 -13.38 -11.52 30.31
CA ALA C 135 -14.11 -12.71 29.88
C ALA C 135 -15.61 -12.52 30.07
N ARG C 136 -16.01 -11.97 31.21
CA ARG C 136 -17.44 -11.73 31.45
C ARG C 136 -18.00 -10.74 30.45
N SER C 137 -17.24 -9.69 30.13
CA SER C 137 -17.68 -8.72 29.14
C SER C 137 -17.87 -9.39 27.78
N TYR C 138 -16.94 -10.29 27.41
CA TYR C 138 -17.03 -11.02 26.16
C TYR C 138 -18.02 -12.18 26.21
N GLY C 139 -18.42 -12.62 27.41
CA GLY C 139 -19.32 -13.75 27.53
C GLY C 139 -18.68 -15.10 27.30
N ILE C 140 -17.42 -15.27 27.66
CA ILE C 140 -16.68 -16.51 27.37
C ILE C 140 -16.02 -17.01 28.64
N PRO C 141 -15.63 -18.28 28.68
CA PRO C 141 -14.89 -18.79 29.83
C PRO C 141 -13.48 -18.21 29.89
N PHE C 142 -12.93 -18.23 31.11
CA PHE C 142 -11.56 -17.81 31.36
C PHE C 142 -10.87 -18.91 32.15
N ILE C 143 -9.72 -19.39 31.66
CA ILE C 143 -8.96 -20.45 32.33
C ILE C 143 -7.51 -20.00 32.45
N GLU C 144 -6.94 -20.23 33.64
CA GLU C 144 -5.53 -19.99 33.89
C GLU C 144 -4.75 -21.27 33.62
N THR C 145 -3.63 -21.14 32.89
CA THR C 145 -2.82 -22.28 32.48
C THR C 145 -1.34 -22.04 32.80
N SER C 146 -0.59 -23.14 32.83
CA SER C 146 0.87 -23.10 32.74
C SER C 146 1.32 -24.24 31.85
N ALA C 147 1.88 -23.92 30.68
CA ALA C 147 2.46 -24.97 29.85
C ALA C 147 3.64 -25.64 30.55
N LYS C 148 4.28 -24.95 31.50
CA LYS C 148 5.45 -25.53 32.14
C LYS C 148 5.06 -26.69 33.05
N THR C 149 4.02 -26.51 33.87
CA THR C 149 3.56 -27.55 34.78
C THR C 149 2.39 -28.35 34.25
N ARG C 150 1.88 -28.01 33.07
CA ARG C 150 0.73 -28.62 32.41
C ARG C 150 -0.59 -28.30 33.12
N GLN C 151 -0.58 -27.43 34.12
CA GLN C 151 -1.83 -27.04 34.80
C GLN C 151 -2.82 -26.42 33.82
N GLY C 152 -4.02 -26.99 33.77
CA GLY C 152 -5.13 -26.43 33.02
C GLY C 152 -5.09 -26.60 31.52
N VAL C 153 -4.08 -27.27 30.97
CA VAL C 153 -3.92 -27.31 29.52
C VAL C 153 -5.10 -28.03 28.88
N ASP C 154 -5.40 -29.24 29.36
CA ASP C 154 -6.52 -29.98 28.79
C ASP C 154 -7.85 -29.26 29.00
N ASP C 155 -8.08 -28.69 30.19
CA ASP C 155 -9.35 -28.02 30.43
C ASP C 155 -9.56 -26.84 29.48
N ALA C 156 -8.48 -26.11 29.15
CA ALA C 156 -8.61 -24.99 28.22
C ALA C 156 -9.08 -25.49 26.85
N PHE C 157 -8.44 -26.54 26.33
CA PHE C 157 -8.84 -27.03 25.01
C PHE C 157 -10.22 -27.71 25.08
N TYR C 158 -10.47 -28.52 26.11
CA TYR C 158 -11.77 -29.19 26.19
C TYR C 158 -12.90 -28.17 26.37
N THR C 159 -12.65 -27.10 27.12
CA THR C 159 -13.68 -26.07 27.29
C THR C 159 -14.02 -25.39 25.96
N LEU C 160 -13.01 -25.15 25.11
CA LEU C 160 -13.31 -24.56 23.80
C LEU C 160 -14.17 -25.50 22.97
N VAL C 161 -13.86 -26.79 22.96
CA VAL C 161 -14.68 -27.75 22.23
C VAL C 161 -16.12 -27.69 22.74
N ARG C 162 -16.30 -27.60 24.06
CA ARG C 162 -17.65 -27.54 24.61
C ARG C 162 -18.34 -26.24 24.21
N GLU C 163 -17.60 -25.12 24.12
CA GLU C 163 -18.16 -23.88 23.61
C GLU C 163 -18.60 -24.02 22.16
N ILE C 164 -17.84 -24.80 21.37
CA ILE C 164 -18.22 -25.03 19.98
C ILE C 164 -19.52 -25.82 19.91
N ARG C 165 -19.64 -26.89 20.71
CA ARG C 165 -20.86 -27.69 20.68
C ARG C 165 -22.09 -26.84 21.01
N LYS C 166 -21.98 -25.94 21.99
CA LYS C 166 -23.06 -25.00 22.28
C LYS C 166 -23.39 -24.13 21.07
N HIS C 167 -22.39 -23.85 20.24
CA HIS C 167 -22.50 -23.11 18.96
C HIS C 167 -22.53 -21.60 19.15
N ASP D 10 23.03 18.06 14.95
CA ASP D 10 23.30 16.63 14.80
C ASP D 10 23.97 16.06 16.07
N GLN D 11 23.90 16.82 17.16
CA GLN D 11 24.49 16.42 18.43
C GLN D 11 23.47 16.19 19.53
N GLY D 12 22.42 17.00 19.60
CA GLY D 12 21.47 16.91 20.69
C GLY D 12 20.15 16.21 20.39
N GLU D 13 19.88 15.89 19.11
CA GLU D 13 18.56 15.33 18.79
C GLU D 13 18.36 13.94 19.37
N LEU D 14 19.41 13.12 19.40
CA LEU D 14 19.22 11.72 19.82
C LEU D 14 18.81 11.59 21.28
N PRO D 15 19.48 12.21 22.25
CA PRO D 15 19.03 12.05 23.65
C PRO D 15 17.63 12.57 23.88
N ILE D 16 17.23 13.64 23.18
CA ILE D 16 15.85 14.10 23.27
C ILE D 16 14.90 12.99 22.83
N ALA D 17 15.18 12.39 21.67
CA ALA D 17 14.30 11.38 21.13
C ALA D 17 14.26 10.14 22.01
N MET D 18 15.41 9.72 22.55
CA MET D 18 15.42 8.54 23.39
C MET D 18 14.67 8.78 24.69
N ALA D 19 14.82 9.98 25.29
CA ALA D 19 14.11 10.24 26.53
C ALA D 19 12.61 10.28 26.28
N LEU D 20 12.18 10.94 25.22
CA LEU D 20 10.75 10.99 24.91
C LEU D 20 10.23 9.63 24.49
N ALA D 21 11.06 8.80 23.87
CA ALA D 21 10.59 7.49 23.47
C ALA D 21 10.14 6.67 24.67
N ASN D 22 10.78 6.84 25.83
CA ASN D 22 10.45 6.07 27.03
C ASN D 22 9.10 6.45 27.61
N VAL D 23 8.58 7.62 27.29
CA VAL D 23 7.29 8.07 27.79
C VAL D 23 6.15 7.40 27.03
N VAL D 24 6.39 6.97 25.80
CA VAL D 24 5.32 6.44 24.94
C VAL D 24 4.93 5.03 25.35
N PRO D 25 3.66 4.79 25.66
CA PRO D 25 3.24 3.42 26.00
C PRO D 25 3.31 2.51 24.79
N CYS D 26 3.58 1.23 25.04
CA CYS D 26 3.79 0.30 23.93
C CYS D 26 2.57 0.23 23.01
N SER D 27 1.38 0.63 23.46
CA SER D 27 0.25 0.66 22.55
C SER D 27 0.46 1.61 21.37
N GLN D 28 1.36 2.59 21.48
CA GLN D 28 1.65 3.51 20.39
C GLN D 28 2.99 3.24 19.71
N TRP D 29 3.56 2.05 19.89
CA TRP D 29 4.90 1.82 19.35
C TRP D 29 4.94 1.78 17.83
N ASP D 30 3.83 1.39 17.18
CA ASP D 30 3.79 1.46 15.72
C ASP D 30 3.91 2.90 15.25
N GLU D 31 3.13 3.80 15.86
CA GLU D 31 3.24 5.20 15.49
C GLU D 31 4.60 5.76 15.89
N LEU D 32 5.08 5.44 17.09
CA LEU D 32 6.41 5.90 17.49
C LEU D 32 7.47 5.49 16.47
N ALA D 33 7.41 4.26 15.98
CA ALA D 33 8.41 3.80 15.00
C ALA D 33 8.33 4.62 13.71
N ARG D 34 7.12 4.86 13.22
CA ARG D 34 6.96 5.67 12.02
C ARG D 34 7.60 7.04 12.19
N VAL D 35 7.25 7.74 13.28
CA VAL D 35 7.69 9.12 13.47
C VAL D 35 9.20 9.19 13.70
N LEU D 36 9.74 8.28 14.51
CA LEU D 36 11.18 8.28 14.75
C LEU D 36 11.96 8.08 13.46
N VAL D 37 11.65 7.02 12.72
CA VAL D 37 12.41 6.72 11.50
C VAL D 37 12.24 7.86 10.51
N THR D 38 11.02 8.33 10.35
CA THR D 38 10.75 9.44 9.43
C THR D 38 11.53 10.69 9.83
N LEU D 39 11.52 11.04 11.13
CA LEU D 39 12.24 12.20 11.59
C LEU D 39 13.72 12.09 11.33
N PHE D 40 14.32 10.96 11.73
CA PHE D 40 15.76 10.89 11.68
C PHE D 40 16.28 10.56 10.28
N ASP D 41 15.48 9.90 9.44
CA ASP D 41 15.90 9.74 8.04
C ASP D 41 15.92 11.08 7.32
N SER D 42 14.87 11.89 7.48
CA SER D 42 14.82 13.18 6.84
C SER D 42 15.89 14.14 7.37
N ARG D 43 16.49 13.84 8.53
CA ARG D 43 17.62 14.62 9.03
C ARG D 43 18.95 13.92 8.83
N HIS D 44 19.00 12.90 7.97
CA HIS D 44 20.24 12.18 7.66
C HIS D 44 20.91 11.63 8.92
N LEU D 45 20.10 11.26 9.91
CA LEU D 45 20.59 10.69 11.15
C LEU D 45 20.02 9.31 11.43
N LEU D 46 19.60 8.58 10.39
CA LEU D 46 18.93 7.31 10.63
C LEU D 46 19.88 6.28 11.20
N TYR D 47 21.12 6.23 10.72
CA TYR D 47 22.08 5.26 11.26
C TYR D 47 22.25 5.45 12.76
N GLN D 48 22.34 6.70 13.21
CA GLN D 48 22.55 6.98 14.62
C GLN D 48 21.36 6.56 15.47
N LEU D 49 20.14 6.82 15.00
CA LEU D 49 18.94 6.37 15.70
C LEU D 49 18.94 4.86 15.88
N LEU D 50 19.21 4.13 14.79
CA LEU D 50 19.24 2.67 14.85
C LEU D 50 20.32 2.16 15.77
N TRP D 51 21.49 2.82 15.79
CA TRP D 51 22.54 2.38 16.68
C TRP D 51 22.06 2.44 18.13
N ASN D 52 21.47 3.57 18.54
CA ASN D 52 21.00 3.70 19.91
C ASN D 52 19.90 2.70 20.21
N MET D 53 18.90 2.61 19.33
CA MET D 53 17.77 1.73 19.58
C MET D 53 18.19 0.26 19.66
N PHE D 54 19.06 -0.18 18.75
CA PHE D 54 19.54 -1.56 18.80
C PHE D 54 20.39 -1.80 20.03
N SER D 55 21.28 -0.85 20.36
CA SER D 55 22.20 -1.06 21.47
C SER D 55 21.46 -1.22 22.78
N LYS D 56 20.43 -0.39 22.99
CA LYS D 56 19.61 -0.49 24.19
C LYS D 56 18.97 -1.88 24.29
N GLU D 57 18.51 -2.43 23.17
CA GLU D 57 17.90 -3.75 23.21
C GLU D 57 18.95 -4.84 23.41
N VAL D 58 20.12 -4.69 22.78
CA VAL D 58 21.17 -5.69 22.92
C VAL D 58 21.71 -5.69 24.35
N GLU D 59 21.85 -4.52 24.95
CA GLU D 59 22.36 -4.45 26.33
C GLU D 59 21.42 -5.15 27.30
N LEU D 60 20.11 -5.10 27.04
CA LEU D 60 19.09 -5.66 27.94
C LEU D 60 18.82 -7.14 27.72
N ALA D 61 19.11 -7.67 26.54
CA ALA D 61 18.70 -9.04 26.22
C ALA D 61 19.40 -10.05 27.12
N ASP D 62 18.69 -11.16 27.40
CA ASP D 62 19.25 -12.23 28.21
C ASP D 62 20.03 -13.25 27.38
N SER D 63 19.80 -13.29 26.07
CA SER D 63 20.53 -14.19 25.20
C SER D 63 20.55 -13.58 23.80
N MET D 64 21.51 -14.02 22.98
CA MET D 64 21.51 -13.56 21.59
C MET D 64 20.35 -14.15 20.82
N GLN D 65 19.91 -15.36 21.17
CA GLN D 65 18.83 -16.02 20.46
C GLN D 65 17.50 -15.35 20.71
N THR D 66 17.36 -14.67 21.85
CA THR D 66 16.11 -14.06 22.27
C THR D 66 16.06 -12.56 21.95
N LEU D 67 16.92 -12.09 21.06
CA LEU D 67 16.96 -10.67 20.79
C LEU D 67 15.71 -10.25 20.03
N PHE D 68 15.18 -9.08 20.40
CA PHE D 68 14.03 -8.47 19.74
C PHE D 68 12.75 -9.27 19.92
N ARG D 69 12.66 -10.07 20.98
CA ARG D 69 11.48 -10.88 21.21
C ARG D 69 10.29 -10.02 21.61
N GLY D 70 9.10 -10.56 21.37
CA GLY D 70 7.83 -9.97 21.80
C GLY D 70 7.40 -8.67 21.17
N ASN D 71 7.70 -8.47 19.89
CA ASN D 71 7.30 -7.27 19.14
C ASN D 71 7.73 -5.98 19.84
N SER D 72 8.97 -5.98 20.33
CA SER D 72 9.58 -4.81 20.98
C SER D 72 9.65 -3.62 20.03
N LEU D 73 9.96 -2.45 20.60
CA LEU D 73 10.07 -1.24 19.80
C LEU D 73 11.18 -1.34 18.75
N ALA D 74 12.33 -1.89 19.14
CA ALA D 74 13.42 -2.10 18.18
C ALA D 74 12.97 -3.00 17.03
N SER D 75 12.20 -4.06 17.36
CA SER D 75 11.69 -4.94 16.32
C SER D 75 10.80 -4.18 15.35
N LYS D 76 9.90 -3.34 15.88
CA LYS D 76 9.01 -2.57 15.03
C LYS D 76 9.78 -1.57 14.18
N ILE D 77 10.83 -0.95 14.74
CA ILE D 77 11.64 -0.01 13.98
C ILE D 77 12.40 -0.73 12.88
N MET D 78 12.97 -1.91 13.19
CA MET D 78 13.68 -2.70 12.20
C MET D 78 12.76 -3.07 11.04
N THR D 79 11.57 -3.57 11.35
CA THR D 79 10.60 -3.92 10.33
C THR D 79 10.25 -2.72 9.46
N PHE D 80 10.05 -1.57 10.09
CA PHE D 80 9.70 -0.37 9.35
C PHE D 80 10.79 -0.01 8.34
N CYS D 81 12.05 -0.09 8.76
CA CYS D 81 13.15 0.23 7.86
C CYS D 81 13.25 -0.74 6.71
N PHE D 82 13.12 -2.05 6.99
CA PHE D 82 13.13 -3.05 5.93
C PHE D 82 12.10 -2.72 4.87
N LYS D 83 10.91 -2.30 5.30
CA LYS D 83 9.83 -2.04 4.35
C LYS D 83 10.11 -0.82 3.48
N VAL D 84 10.57 0.28 4.07
CA VAL D 84 10.72 1.50 3.31
C VAL D 84 11.95 1.46 2.41
N TYR D 85 13.03 0.81 2.85
CA TYR D 85 14.24 0.73 2.07
C TYR D 85 14.38 -0.56 1.27
N GLY D 86 13.57 -1.58 1.56
CA GLY D 86 13.77 -2.85 0.88
C GLY D 86 12.59 -3.36 0.08
N ALA D 87 11.48 -2.63 0.06
CA ALA D 87 10.27 -3.15 -0.59
C ALA D 87 10.48 -3.38 -2.08
N THR D 88 11.04 -2.38 -2.76
CA THR D 88 11.27 -2.53 -4.19
C THR D 88 12.23 -3.67 -4.47
N TYR D 89 13.29 -3.79 -3.68
CA TYR D 89 14.22 -4.89 -3.84
C TYR D 89 13.52 -6.24 -3.71
N LEU D 90 12.74 -6.40 -2.64
CA LEU D 90 12.05 -7.66 -2.40
C LEU D 90 11.05 -7.93 -3.51
N GLN D 91 10.31 -6.91 -3.93
CA GLN D 91 9.37 -7.10 -5.02
C GLN D 91 10.08 -7.54 -6.30
N LYS D 92 11.19 -6.85 -6.65
CA LYS D 92 11.88 -7.22 -7.88
C LYS D 92 12.47 -8.62 -7.80
N LEU D 93 12.86 -9.05 -6.60
CA LEU D 93 13.46 -10.37 -6.46
C LEU D 93 12.40 -11.47 -6.48
N LEU D 94 11.29 -11.28 -5.75
CA LEU D 94 10.32 -12.35 -5.55
C LEU D 94 9.28 -12.42 -6.65
N ASP D 95 8.88 -11.29 -7.21
CA ASP D 95 7.84 -11.29 -8.24
C ASP D 95 8.09 -12.28 -9.38
N PRO D 96 9.24 -12.29 -10.05
CA PRO D 96 9.41 -13.28 -11.14
C PRO D 96 9.34 -14.71 -10.66
N LEU D 97 9.88 -15.02 -9.48
CA LEU D 97 9.83 -16.39 -8.98
C LEU D 97 8.38 -16.81 -8.73
N LEU D 98 7.59 -15.92 -8.11
CA LEU D 98 6.21 -16.29 -7.81
C LEU D 98 5.39 -16.50 -9.07
N ARG D 99 5.59 -15.63 -10.06
CA ARG D 99 4.83 -15.76 -11.29
C ARG D 99 5.16 -17.08 -11.99
N ILE D 100 6.37 -17.58 -11.80
CA ILE D 100 6.74 -18.86 -12.40
C ILE D 100 6.01 -20.01 -11.71
N VAL D 101 5.97 -20.00 -10.38
CA VAL D 101 5.36 -21.11 -9.67
C VAL D 101 3.85 -21.07 -9.85
N ILE D 102 3.26 -19.88 -10.00
CA ILE D 102 1.81 -19.81 -10.14
C ILE D 102 1.36 -20.08 -11.58
N THR D 103 2.11 -19.60 -12.59
CA THR D 103 1.61 -19.63 -13.96
C THR D 103 2.38 -20.48 -14.97
N SER D 104 3.62 -20.85 -14.72
CA SER D 104 4.38 -21.59 -15.73
C SER D 104 3.85 -23.03 -15.83
N SER D 105 3.97 -23.62 -17.01
CA SER D 105 3.35 -24.93 -17.10
C SER D 105 4.16 -26.00 -16.40
N ASP D 106 5.41 -25.70 -16.01
CA ASP D 106 6.20 -26.67 -15.25
C ASP D 106 5.65 -26.87 -13.83
N TRP D 107 5.03 -25.84 -13.26
CA TRP D 107 4.48 -25.86 -11.91
C TRP D 107 2.98 -26.11 -11.83
N GLN D 108 2.31 -26.34 -12.96
CA GLN D 108 0.85 -26.36 -12.97
C GLN D 108 0.23 -27.52 -12.18
N HIS D 109 0.78 -28.72 -12.25
CA HIS D 109 0.17 -29.87 -11.58
C HIS D 109 0.79 -30.21 -10.24
N VAL D 110 1.40 -29.24 -9.56
CA VAL D 110 2.27 -29.53 -8.43
C VAL D 110 1.50 -29.40 -7.13
N SER D 111 1.70 -30.34 -6.22
CA SER D 111 1.13 -30.29 -4.88
C SER D 111 2.25 -30.23 -3.87
N PHE D 112 2.06 -29.44 -2.82
CA PHE D 112 3.04 -29.28 -1.76
C PHE D 112 2.60 -29.90 -0.44
N GLU D 113 1.53 -30.68 -0.44
CA GLU D 113 1.00 -31.24 0.81
C GLU D 113 1.94 -32.33 1.30
N VAL D 114 2.61 -32.07 2.42
CA VAL D 114 3.57 -33.00 3.01
C VAL D 114 3.12 -33.50 4.37
N ASP D 115 1.91 -33.12 4.82
CA ASP D 115 1.33 -33.71 6.02
C ASP D 115 0.59 -34.98 5.61
N PRO D 116 1.02 -36.17 6.04
CA PRO D 116 0.36 -37.41 5.62
C PRO D 116 -1.12 -37.46 5.94
N THR D 117 -1.54 -36.83 7.04
CA THR D 117 -2.94 -36.85 7.44
C THR D 117 -3.82 -35.96 6.57
N ARG D 118 -3.23 -35.11 5.74
CA ARG D 118 -3.98 -34.23 4.84
C ARG D 118 -3.76 -34.61 3.39
N LEU D 119 -3.16 -35.77 3.16
CA LEU D 119 -2.74 -36.20 1.84
C LEU D 119 -3.91 -36.85 1.11
N GLU D 120 -4.20 -36.38 -0.11
CA GLU D 120 -5.23 -37.03 -0.91
C GLU D 120 -4.75 -38.40 -1.38
N PRO D 121 -5.69 -39.35 -1.58
CA PRO D 121 -5.27 -40.72 -1.89
C PRO D 121 -4.50 -40.87 -3.19
N SER D 122 -4.79 -40.04 -4.20
CA SER D 122 -4.02 -40.05 -5.44
C SER D 122 -2.56 -39.66 -5.21
N GLU D 123 -2.28 -38.77 -4.25
CA GLU D 123 -0.96 -38.15 -4.18
C GLU D 123 0.06 -39.05 -3.48
N SER D 124 1.33 -38.78 -3.80
CA SER D 124 2.48 -39.48 -3.23
C SER D 124 3.24 -38.55 -2.30
N LEU D 125 3.48 -38.99 -1.07
CA LEU D 125 4.15 -38.13 -0.09
C LEU D 125 5.56 -37.75 -0.58
N GLU D 126 6.30 -38.72 -1.11
CA GLU D 126 7.68 -38.45 -1.51
C GLU D 126 7.75 -37.47 -2.67
N GLU D 127 6.78 -37.53 -3.59
CA GLU D 127 6.74 -36.56 -4.68
C GLU D 127 6.47 -35.16 -4.14
N ASN D 128 5.50 -35.02 -3.25
CA ASN D 128 5.17 -33.69 -2.72
C ASN D 128 6.29 -33.11 -1.87
N GLN D 129 6.97 -33.95 -1.07
CA GLN D 129 8.11 -33.47 -0.31
C GLN D 129 9.18 -32.91 -1.25
N ARG D 130 9.42 -33.61 -2.35
CA ARG D 130 10.42 -33.15 -3.34
C ARG D 130 9.96 -31.89 -4.06
N ASN D 131 8.68 -31.81 -4.46
CA ASN D 131 8.16 -30.56 -5.00
C ASN D 131 8.48 -29.38 -4.09
N LEU D 132 8.30 -29.57 -2.78
CA LEU D 132 8.53 -28.50 -1.83
C LEU D 132 10.01 -28.15 -1.74
N LEU D 133 10.88 -29.18 -1.75
CA LEU D 133 12.30 -28.90 -1.73
C LEU D 133 12.69 -28.13 -2.98
N GLN D 134 12.09 -28.49 -4.13
CA GLN D 134 12.48 -27.84 -5.38
C GLN D 134 12.11 -26.38 -5.36
N MET D 135 10.92 -26.05 -4.85
CA MET D 135 10.55 -24.65 -4.74
C MET D 135 11.45 -23.92 -3.76
N THR D 136 11.75 -24.55 -2.61
CA THR D 136 12.60 -23.91 -1.62
C THR D 136 14.00 -23.64 -2.18
N GLU D 137 14.55 -24.58 -2.95
CA GLU D 137 15.82 -24.35 -3.61
C GLU D 137 15.75 -23.17 -4.57
N LYS D 138 14.67 -23.09 -5.34
CA LYS D 138 14.52 -22.01 -6.29
C LYS D 138 14.51 -20.68 -5.57
N PHE D 139 13.75 -20.57 -4.49
CA PHE D 139 13.67 -19.32 -3.77
C PHE D 139 14.98 -19.01 -3.04
N PHE D 140 15.52 -19.99 -2.32
CA PHE D 140 16.74 -19.76 -1.56
C PHE D 140 17.88 -19.35 -2.50
N HIS D 141 18.01 -20.02 -3.63
CA HIS D 141 19.10 -19.67 -4.54
C HIS D 141 18.94 -18.24 -5.04
N ALA D 142 17.73 -17.81 -5.37
CA ALA D 142 17.54 -16.44 -5.83
C ALA D 142 17.93 -15.46 -4.74
N ILE D 143 17.58 -15.77 -3.49
CA ILE D 143 17.87 -14.85 -2.37
C ILE D 143 19.37 -14.68 -2.18
N ILE D 144 20.10 -15.80 -2.04
CA ILE D 144 21.53 -15.70 -1.76
C ILE D 144 22.33 -15.26 -2.98
N SER D 145 21.71 -15.20 -4.16
CA SER D 145 22.36 -14.69 -5.37
C SER D 145 22.06 -13.22 -5.63
N SER D 146 21.45 -12.52 -4.66
CA SER D 146 20.86 -11.21 -4.89
C SER D 146 21.68 -10.08 -4.31
N SER D 147 22.88 -10.35 -3.81
CA SER D 147 23.64 -9.31 -3.12
C SER D 147 23.92 -8.13 -4.02
N SER D 148 24.15 -8.36 -5.31
CA SER D 148 24.35 -7.25 -6.24
C SER D 148 23.15 -6.32 -6.33
N GLU D 149 21.95 -6.79 -5.99
CA GLU D 149 20.76 -5.94 -6.04
C GLU D 149 20.33 -5.43 -4.67
N PHE D 150 21.03 -5.83 -3.61
CA PHE D 150 20.62 -5.44 -2.27
C PHE D 150 20.81 -3.93 -2.11
N PRO D 151 19.80 -3.19 -1.64
CA PRO D 151 19.90 -1.73 -1.61
C PRO D 151 20.95 -1.25 -0.59
N PRO D 152 21.63 -0.15 -0.89
CA PRO D 152 22.68 0.30 0.03
C PRO D 152 22.12 0.74 1.37
N GLN D 153 20.97 1.39 1.40
CA GLN D 153 20.40 1.80 2.68
C GLN D 153 19.99 0.59 3.50
N LEU D 154 19.52 -0.46 2.84
CA LEU D 154 19.20 -1.70 3.54
C LEU D 154 20.47 -2.38 4.06
N ARG D 155 21.56 -2.31 3.29
CA ARG D 155 22.86 -2.79 3.78
C ARG D 155 23.25 -2.09 5.07
N SER D 156 23.03 -0.77 5.12
CA SER D 156 23.39 0.01 6.30
C SER D 156 22.63 -0.45 7.54
N VAL D 157 21.36 -0.81 7.37
CA VAL D 157 20.58 -1.30 8.51
C VAL D 157 21.14 -2.63 9.00
N CYS D 158 21.40 -3.55 8.08
CA CYS D 158 21.95 -4.85 8.48
C CYS D 158 23.35 -4.68 9.06
N HIS D 159 24.15 -3.79 8.46
CA HIS D 159 25.49 -3.53 8.99
C HIS D 159 25.39 -2.96 10.40
N CYS D 160 24.44 -2.05 10.61
CA CYS D 160 24.29 -1.46 11.95
C CYS D 160 23.88 -2.51 12.97
N LEU D 161 22.90 -3.35 12.60
CA LEU D 161 22.48 -4.42 13.49
C LEU D 161 23.64 -5.36 13.80
N TYR D 162 24.41 -5.73 12.76
CA TYR D 162 25.55 -6.61 12.95
C TYR D 162 26.59 -5.98 13.89
N GLN D 163 26.88 -4.70 13.70
CA GLN D 163 27.92 -4.07 14.50
C GLN D 163 27.50 -4.01 15.97
N VAL D 164 26.23 -3.66 16.22
CA VAL D 164 25.74 -3.59 17.59
C VAL D 164 25.72 -4.96 18.24
N VAL D 165 25.13 -5.96 17.57
CA VAL D 165 25.05 -7.28 18.18
C VAL D 165 26.43 -7.79 18.49
N SER D 166 27.43 -7.43 17.67
CA SER D 166 28.79 -7.92 17.84
C SER D 166 29.47 -7.35 19.09
N GLN D 167 29.03 -6.19 19.58
CA GLN D 167 29.64 -5.62 20.78
C GLN D 167 29.42 -6.50 22.00
N ARG D 168 28.39 -7.32 21.99
CA ARG D 168 28.05 -8.15 23.12
C ARG D 168 28.04 -9.64 22.80
N PHE D 169 27.65 -10.03 21.59
CA PHE D 169 27.56 -11.43 21.21
C PHE D 169 28.39 -11.68 19.97
N PRO D 170 29.72 -11.53 20.06
CA PRO D 170 30.54 -11.59 18.84
C PRO D 170 30.48 -12.93 18.13
N GLN D 171 30.40 -14.03 18.86
CA GLN D 171 30.32 -15.35 18.24
C GLN D 171 28.90 -15.55 17.70
N ASN D 172 28.79 -15.73 16.39
CA ASN D 172 27.53 -15.96 15.67
C ASN D 172 26.61 -14.75 15.67
N SER D 173 27.13 -13.55 15.91
CA SER D 173 26.29 -12.35 15.85
C SER D 173 25.65 -12.22 14.47
N ILE D 174 26.34 -12.67 13.42
CA ILE D 174 25.80 -12.57 12.06
C ILE D 174 24.55 -13.43 11.91
N GLY D 175 24.46 -14.53 12.66
CA GLY D 175 23.24 -15.32 12.66
C GLY D 175 22.03 -14.52 13.09
N ALA D 176 22.22 -13.62 14.06
CA ALA D 176 21.11 -12.79 14.51
C ALA D 176 20.60 -11.90 13.39
N VAL D 177 21.52 -11.39 12.56
CA VAL D 177 21.12 -10.55 11.43
C VAL D 177 20.26 -11.36 10.44
N GLY D 178 20.73 -12.55 10.08
CA GLY D 178 19.99 -13.37 9.13
C GLY D 178 18.61 -13.76 9.64
N SER D 179 18.54 -14.22 10.89
CA SER D 179 17.25 -14.58 11.48
C SER D 179 16.28 -13.40 11.42
N ALA D 180 16.74 -12.23 11.85
CA ALA D 180 15.83 -11.07 11.95
C ALA D 180 15.25 -10.70 10.60
N MET D 181 16.09 -10.68 9.55
CA MET D 181 15.65 -10.25 8.23
C MET D 181 14.72 -11.27 7.58
N PHE D 182 15.03 -12.55 7.70
CA PHE D 182 14.10 -13.54 7.18
C PHE D 182 12.78 -13.48 7.96
N LEU D 183 12.87 -13.33 9.28
CA LEU D 183 11.66 -13.38 10.11
C LEU D 183 10.73 -12.21 9.85
N ARG D 184 11.27 -10.99 9.75
CA ARG D 184 10.47 -9.78 9.71
C ARG D 184 10.33 -9.17 8.32
N PHE D 185 11.00 -9.72 7.31
CA PHE D 185 11.08 -9.03 6.03
C PHE D 185 10.78 -9.99 4.89
N ILE D 186 11.58 -11.03 4.74
CA ILE D 186 11.45 -11.92 3.58
C ILE D 186 10.27 -12.87 3.74
N ASN D 187 10.25 -13.64 4.83
CA ASN D 187 9.21 -14.65 5.00
C ASN D 187 7.80 -14.08 5.11
N PRO D 188 7.56 -12.95 5.77
CA PRO D 188 6.21 -12.37 5.71
C PRO D 188 5.73 -12.11 4.29
N ALA D 189 6.63 -11.69 3.41
CA ALA D 189 6.28 -11.41 2.02
C ALA D 189 6.09 -12.70 1.21
N ILE D 190 6.90 -13.72 1.49
CA ILE D 190 6.73 -14.99 0.80
C ILE D 190 5.36 -15.59 1.16
N VAL D 191 4.98 -15.52 2.42
CA VAL D 191 3.72 -16.12 2.87
C VAL D 191 2.50 -15.36 2.32
N SER D 192 2.57 -14.03 2.30
CA SER D 192 1.45 -13.19 1.87
C SER D 192 1.92 -12.22 0.79
N PRO D 193 2.25 -12.73 -0.41
CA PRO D 193 2.80 -11.85 -1.45
C PRO D 193 1.86 -10.77 -1.91
N TYR D 194 0.55 -11.02 -1.93
CA TYR D 194 -0.38 -10.00 -2.38
C TYR D 194 -0.46 -8.85 -1.39
N GLU D 195 -0.60 -9.16 -0.11
CA GLU D 195 -0.69 -8.10 0.89
C GLU D 195 0.62 -7.33 0.98
N ALA D 196 1.75 -7.99 0.71
CA ALA D 196 3.05 -7.34 0.73
C ALA D 196 3.29 -6.44 -0.47
N GLY D 197 2.36 -6.41 -1.41
CA GLY D 197 2.51 -5.62 -2.62
C GLY D 197 3.37 -6.24 -3.69
N ILE D 198 3.74 -7.52 -3.56
CA ILE D 198 4.56 -8.15 -4.59
C ILE D 198 3.70 -8.67 -5.72
N LEU D 199 2.57 -9.30 -5.40
CA LEU D 199 1.60 -9.75 -6.39
C LEU D 199 0.35 -8.90 -6.29
N ASP D 200 -0.38 -8.87 -7.38
CA ASP D 200 -1.61 -8.11 -7.46
C ASP D 200 -2.83 -8.94 -7.12
N LYS D 201 -2.64 -10.24 -6.90
CA LYS D 201 -3.73 -11.16 -6.59
C LYS D 201 -3.20 -12.23 -5.64
N LYS D 202 -4.04 -12.69 -4.73
CA LYS D 202 -3.65 -13.77 -3.84
C LYS D 202 -3.36 -15.03 -4.65
N PRO D 203 -2.27 -15.74 -4.36
CA PRO D 203 -1.97 -16.98 -5.08
C PRO D 203 -2.99 -18.06 -4.75
N PRO D 204 -3.13 -19.07 -5.62
CA PRO D 204 -4.12 -20.10 -5.36
C PRO D 204 -3.80 -20.86 -4.11
N PRO D 205 -4.80 -21.47 -3.46
CA PRO D 205 -4.57 -22.20 -2.20
C PRO D 205 -3.55 -23.30 -2.32
N ARG D 206 -3.49 -23.96 -3.48
CA ARG D 206 -2.49 -25.01 -3.69
C ARG D 206 -1.08 -24.45 -3.55
N ILE D 207 -0.85 -23.26 -4.07
CA ILE D 207 0.45 -22.59 -3.99
C ILE D 207 0.69 -22.02 -2.58
N GLU D 208 -0.34 -21.42 -1.98
CA GLU D 208 -0.20 -20.80 -0.64
C GLU D 208 0.28 -21.81 0.38
N ARG D 209 -0.26 -23.02 0.33
CA ARG D 209 0.22 -24.09 1.21
C ARG D 209 1.72 -24.27 1.05
N GLY D 210 2.19 -24.32 -0.20
CA GLY D 210 3.61 -24.48 -0.43
C GLY D 210 4.41 -23.30 0.06
N LEU D 211 3.91 -22.08 -0.19
CA LEU D 211 4.64 -20.89 0.24
C LEU D 211 4.85 -20.89 1.74
N LYS D 212 3.82 -21.27 2.50
CA LYS D 212 3.92 -21.29 3.96
C LYS D 212 4.94 -22.32 4.44
N LEU D 213 4.89 -23.54 3.88
CA LEU D 213 5.84 -24.57 4.29
C LEU D 213 7.27 -24.18 3.88
N MET D 214 7.41 -23.56 2.71
CA MET D 214 8.73 -23.10 2.29
C MET D 214 9.29 -22.06 3.25
N SER D 215 8.45 -21.10 3.67
CA SER D 215 8.93 -20.08 4.57
C SER D 215 9.39 -20.68 5.90
N LYS D 216 8.74 -21.76 6.36
CA LYS D 216 9.20 -22.41 7.58
C LYS D 216 10.57 -23.04 7.36
N ILE D 217 10.79 -23.67 6.21
CA ILE D 217 12.11 -24.22 5.94
C ILE D 217 13.15 -23.10 5.83
N LEU D 218 12.80 -22.00 5.15
CA LEU D 218 13.76 -20.88 5.05
C LEU D 218 14.08 -20.31 6.42
N GLN D 219 13.09 -20.21 7.30
CA GLN D 219 13.35 -19.65 8.62
C GLN D 219 14.27 -20.57 9.42
N SER D 220 14.10 -21.89 9.26
CA SER D 220 14.98 -22.85 9.95
C SER D 220 16.41 -22.71 9.47
N ILE D 221 16.60 -22.49 8.16
CA ILE D 221 17.94 -22.29 7.64
C ILE D 221 18.58 -21.08 8.28
N ALA D 222 17.83 -19.98 8.36
CA ALA D 222 18.34 -18.75 8.95
C ALA D 222 18.59 -18.89 10.44
N ASN D 223 17.74 -19.67 11.15
CA ASN D 223 17.78 -19.76 12.60
C ASN D 223 18.73 -20.81 13.14
N HIS D 224 19.09 -21.81 12.31
CA HIS D 224 19.83 -23.00 12.74
C HIS D 224 19.06 -23.85 13.75
N VAL D 225 17.74 -23.70 13.87
CA VAL D 225 16.94 -24.57 14.72
C VAL D 225 16.35 -25.64 13.82
N LEU D 226 16.46 -26.89 14.26
CA LEU D 226 15.93 -27.97 13.45
C LEU D 226 14.48 -28.21 13.78
N PHE D 227 13.78 -28.88 12.87
CA PHE D 227 12.38 -29.18 13.08
C PHE D 227 12.26 -30.27 14.14
N THR D 228 11.56 -29.94 15.25
CA THR D 228 11.27 -30.92 16.29
C THR D 228 9.83 -30.90 16.73
N LYS D 229 9.00 -30.01 16.20
CA LYS D 229 7.63 -29.94 16.70
C LYS D 229 6.70 -30.77 15.82
N GLU D 230 6.43 -30.29 14.61
CA GLU D 230 5.62 -31.03 13.67
C GLU D 230 6.38 -32.23 13.14
N GLU D 231 5.77 -33.40 13.26
CA GLU D 231 6.40 -34.61 12.72
C GLU D 231 6.65 -34.48 11.22
N HIS D 232 5.68 -33.90 10.49
CA HIS D 232 5.79 -33.90 9.04
C HIS D 232 6.87 -32.96 8.51
N MET D 233 7.43 -32.09 9.34
CA MET D 233 8.50 -31.19 8.90
C MET D 233 9.88 -31.78 9.16
N ARG D 234 9.96 -32.77 10.04
CA ARG D 234 11.23 -33.37 10.40
C ARG D 234 12.01 -33.94 9.21
N PRO D 235 11.39 -34.55 8.19
CA PRO D 235 12.20 -35.07 7.07
C PRO D 235 13.08 -34.02 6.37
N PHE D 236 12.85 -32.72 6.58
CA PHE D 236 13.60 -31.68 5.91
C PHE D 236 14.82 -31.20 6.70
N ASN D 237 15.15 -31.83 7.82
CA ASN D 237 16.25 -31.33 8.62
C ASN D 237 17.60 -31.45 7.90
N ASP D 238 17.79 -32.52 7.12
CA ASP D 238 19.05 -32.64 6.38
C ASP D 238 19.16 -31.59 5.29
N PHE D 239 18.05 -31.30 4.61
CA PHE D 239 18.05 -30.21 3.64
C PHE D 239 18.38 -28.88 4.32
N VAL D 240 17.80 -28.63 5.50
CA VAL D 240 18.09 -27.38 6.20
C VAL D 240 19.57 -27.29 6.55
N LYS D 241 20.11 -28.34 7.18
CA LYS D 241 21.53 -28.34 7.55
C LYS D 241 22.42 -28.08 6.35
N SER D 242 22.04 -28.61 5.19
CA SER D 242 22.88 -28.46 4.02
C SER D 242 22.93 -27.04 3.51
N ASN D 243 22.07 -26.16 4.00
CA ASN D 243 22.03 -24.80 3.50
C ASN D 243 22.50 -23.77 4.52
N PHE D 244 22.93 -24.22 5.69
CA PHE D 244 23.41 -23.29 6.72
C PHE D 244 24.53 -22.40 6.16
N ASP D 245 25.53 -22.99 5.52
CA ASP D 245 26.72 -22.23 5.15
C ASP D 245 26.43 -21.19 4.08
N ALA D 246 25.67 -21.55 3.04
CA ALA D 246 25.35 -20.54 2.02
C ALA D 246 24.60 -19.36 2.61
N ALA D 247 23.72 -19.62 3.58
CA ALA D 247 22.96 -18.55 4.20
C ALA D 247 23.88 -17.60 4.96
N ARG D 248 24.78 -18.16 5.77
CA ARG D 248 25.73 -17.34 6.52
C ARG D 248 26.58 -16.48 5.57
N ARG D 249 27.06 -17.07 4.46
CA ARG D 249 27.85 -16.30 3.51
C ARG D 249 27.06 -15.14 2.94
N PHE D 250 25.76 -15.35 2.69
CA PHE D 250 24.94 -14.25 2.19
C PHE D 250 24.78 -13.16 3.24
N PHE D 251 24.51 -13.55 4.49
CA PHE D 251 24.34 -12.54 5.54
C PHE D 251 25.62 -11.75 5.74
N LEU D 252 26.77 -12.43 5.71
CA LEU D 252 28.06 -11.75 5.83
C LEU D 252 28.24 -10.75 4.70
N ASP D 253 27.79 -11.11 3.49
CA ASP D 253 27.86 -10.21 2.35
C ASP D 253 27.07 -8.92 2.59
N ILE D 254 25.80 -9.05 2.98
CA ILE D 254 24.95 -7.86 3.07
C ILE D 254 25.23 -7.02 4.29
N ALA D 255 25.79 -7.59 5.36
CA ALA D 255 25.99 -6.86 6.58
C ALA D 255 27.39 -6.28 6.69
N SER D 256 28.32 -6.72 5.85
CA SER D 256 29.69 -6.23 5.86
C SER D 256 29.81 -5.06 4.90
#